data_5FLE
#
_entry.id   5FLE
#
_cell.length_a   112.216
_cell.length_b   75.511
_cell.length_c   71.132
_cell.angle_alpha   90.00
_cell.angle_beta   111.53
_cell.angle_gamma   90.00
#
_symmetry.space_group_name_H-M   'C 1 2 1'
#
loop_
_entity.id
_entity.type
_entity.pdbx_description
1 polymer 'CARBON MONOXIDE DEHYDROGENASE 2'
2 non-polymer 'IRON/SULFUR CLUSTER'
3 non-polymer 'FE2/S2 (INORGANIC) CLUSTER'
4 non-polymer 'NICKEL IRON CLSUTER WITH CYANIDE BOUND'
5 non-polymer 'FE (II) ION'
6 water water
#
_entity_poly.entity_id   1
_entity_poly.type   'polypeptide(L)'
_entity_poly.pdbx_seq_one_letter_code
;MARQNLKSTDRAVQQMLDKAKREGIQTVWDRYEAMKPQCGFGETGLCCRHCLQGPCRINPFGDEPKVGICGATAEVIVAR
GLDRSIAAGAAGHSGHAKHLAHTLKKAVQGKAASYMIKDRTKLHSIAKRLGIPTEGQKDEDIALEVAKAALADFHEKDTP
VLWVTTVLPPSRVKVLSAHGLIPAGIDHEIAEIMHRTSMGCDADAQNLLLGGLRCSLADLAGCYMGTDLADILFGTPAPV
VTESNLGVLKADAVNVAVHGHNPVLSDIIVSVSKEMENEARAAGATGINVVGICCTGNEVLMRHGIPACTHSVSQEMAMI
TGALDAMILDYQCIQPSVATIAECTGTTVITTMEMSKITGATHVNFAEEAAVENAKQILRLAIDTFKRRKGKPVEIPNIK
TKVVAGFSTEAIINALSKLNANDPLKPLIDNVVNGNIRGVCLFAGCNNVKVPQDQNFTTIARKLLKQNVLVVATGCGAGA
LMRHGFMDPANVDELCGDGLKAVLTAIGEANGLGGPLPPVLHMGSCVDNSRAVALVAALANRLGVDLDRLPVVASAAEAM
HEKAVAIGTWAVTIGLPTHIGVLPPITGSLPVTQILTSSVKDITGGYFIVELDPETAADKLLAAINERRAGLGLPW
;
_entity_poly.pdbx_strand_id   X
#
loop_
_chem_comp.id
_chem_comp.type
_chem_comp.name
_chem_comp.formula
82N non-polymer 'NICKEL IRON CLSUTER WITH CYANIDE BOUND' 'C Fe3 N Ni S4 3'
FE2 non-polymer 'FE (II) ION' 'Fe 2'
FES non-polymer 'FE2/S2 (INORGANIC) CLUSTER' 'Fe2 S2'
SF4 non-polymer 'IRON/SULFUR CLUSTER' 'Fe4 S4'
#
# COMPACT_ATOMS: atom_id res chain seq x y z
N GLN A 4 -19.11 10.28 17.20
CA GLN A 4 -17.86 9.57 16.81
C GLN A 4 -17.96 8.91 15.44
N ASN A 5 -19.19 8.63 14.99
CA ASN A 5 -19.41 8.16 13.61
C ASN A 5 -19.01 9.19 12.54
N LEU A 6 -18.86 10.44 12.95
CA LEU A 6 -18.40 11.46 12.03
C LEU A 6 -16.90 11.33 11.86
N LYS A 7 -16.21 10.70 12.80
CA LYS A 7 -14.76 10.50 12.74
C LYS A 7 -14.35 9.16 12.07
N SER A 8 -15.02 8.09 12.52
CA SER A 8 -14.74 6.76 11.98
C SER A 8 -16.02 5.98 11.81
N THR A 9 -16.13 5.22 10.72
CA THR A 9 -17.24 4.31 10.57
C THR A 9 -16.98 2.95 11.25
N ASP A 10 -15.81 2.75 11.86
CA ASP A 10 -15.47 1.53 12.58
C ASP A 10 -15.92 1.65 14.00
N ARG A 11 -16.83 0.73 14.43
CA ARG A 11 -17.37 0.77 15.75
C ARG A 11 -16.36 0.58 16.87
N ALA A 12 -15.31 -0.21 16.60
CA ALA A 12 -14.28 -0.39 17.61
C ALA A 12 -13.54 0.93 17.82
N VAL A 13 -13.23 1.60 16.70
CA VAL A 13 -12.63 2.93 16.78
C VAL A 13 -13.49 3.91 17.52
N GLN A 14 -14.79 3.92 17.26
CA GLN A 14 -15.70 4.81 17.98
C GLN A 14 -15.64 4.59 19.47
N GLN A 15 -15.61 3.31 19.88
CA GLN A 15 -15.55 2.99 21.31
C GLN A 15 -14.28 3.56 21.97
N MET A 16 -13.16 3.37 21.28
CA MET A 16 -11.90 3.92 21.79
C MET A 16 -11.81 5.46 21.73
N LEU A 17 -12.52 6.05 20.79
CA LEU A 17 -12.56 7.51 20.76
C LEU A 17 -13.32 8.03 21.99
N ASP A 18 -14.37 7.32 22.44
CA ASP A 18 -15.05 7.67 23.67
C ASP A 18 -14.10 7.54 24.89
N LYS A 19 -13.31 6.47 24.92
CA LYS A 19 -12.40 6.28 26.01
C LYS A 19 -11.32 7.39 26.00
N ALA A 20 -10.74 7.67 24.82
CA ALA A 20 -9.75 8.70 24.71
C ALA A 20 -10.28 10.05 25.19
N LYS A 21 -11.55 10.34 24.86
CA LYS A 21 -12.14 11.63 25.25
C LYS A 21 -12.30 11.72 26.75
N ARG A 22 -12.84 10.67 27.39
CA ARG A 22 -13.01 10.79 28.83
C ARG A 22 -11.65 10.78 29.61
N GLU A 23 -10.61 10.23 29.01
CA GLU A 23 -9.30 10.19 29.60
C GLU A 23 -8.45 11.42 29.26
N GLY A 24 -8.95 12.27 28.37
CA GLY A 24 -8.18 13.48 27.96
C GLY A 24 -6.98 13.18 27.12
N ILE A 25 -7.00 12.10 26.37
CA ILE A 25 -5.89 11.77 25.49
C ILE A 25 -6.24 12.30 24.12
N GLN A 26 -5.40 13.21 23.62
CA GLN A 26 -5.58 13.82 22.31
C GLN A 26 -5.30 12.83 21.18
N THR A 27 -6.18 12.83 20.19
CA THR A 27 -6.10 11.94 19.04
C THR A 27 -5.79 12.73 17.76
N VAL A 28 -5.55 11.96 16.70
CA VAL A 28 -5.38 12.55 15.35
C VAL A 28 -6.62 13.41 14.99
N TRP A 29 -7.84 12.94 15.36
CA TRP A 29 -9.02 13.73 15.02
C TRP A 29 -9.08 15.03 15.80
N ASP A 30 -8.61 15.02 17.05
CA ASP A 30 -8.53 16.27 17.86
C ASP A 30 -7.52 17.23 17.22
N ARG A 31 -6.39 16.70 16.80
CA ARG A 31 -5.33 17.52 16.19
C ARG A 31 -5.80 18.10 14.86
N TYR A 32 -6.59 17.36 14.08
CA TYR A 32 -7.24 17.85 12.92
C TYR A 32 -8.19 18.99 13.22
N GLU A 33 -9.09 18.81 14.19
CA GLU A 33 -10.00 19.87 14.54
C GLU A 33 -9.25 21.14 14.93
N ALA A 34 -8.14 20.97 15.67
CA ALA A 34 -7.34 22.13 16.10
C ALA A 34 -6.65 22.84 14.94
N MET A 35 -6.53 22.18 13.80
CA MET A 35 -5.89 22.74 12.63
C MET A 35 -6.83 23.50 11.70
N LYS A 36 -8.14 23.40 11.94
CA LYS A 36 -9.09 24.04 11.03
C LYS A 36 -9.28 25.48 11.37
N PRO A 37 -9.49 26.36 10.40
CA PRO A 37 -9.49 26.05 8.98
C PRO A 37 -8.07 25.91 8.46
N GLN A 38 -7.85 24.97 7.60
CA GLN A 38 -6.55 24.76 7.03
C GLN A 38 -6.23 25.77 5.93
N CYS A 39 -4.94 25.93 5.64
CA CYS A 39 -4.50 26.92 4.67
C CYS A 39 -4.98 26.56 3.29
N GLY A 40 -5.69 27.48 2.66
CA GLY A 40 -6.19 27.25 1.33
C GLY A 40 -5.14 27.34 0.22
N PHE A 41 -4.07 28.09 0.48
CA PHE A 41 -2.96 28.14 -0.50
C PHE A 41 -2.34 26.74 -0.59
N GLY A 42 -2.01 26.16 0.55
CA GLY A 42 -1.46 24.83 0.50
C GLY A 42 -2.42 23.76 -0.03
N GLU A 43 -3.68 23.89 0.33
CA GLU A 43 -4.71 22.87 -0.08
C GLU A 43 -4.82 22.84 -1.58
N THR A 44 -4.72 24.00 -2.24
CA THR A 44 -4.86 24.08 -3.67
C THR A 44 -3.56 23.92 -4.46
N GLY A 45 -2.46 23.81 -3.73
CA GLY A 45 -1.13 23.71 -4.33
C GLY A 45 -0.45 25.04 -4.62
N LEU A 46 -1.09 26.14 -4.30
CA LEU A 46 -0.56 27.49 -4.64
C LEU A 46 0.30 28.07 -3.51
N CYS A 47 1.32 27.29 -3.15
CA CYS A 47 2.35 27.74 -2.20
C CYS A 47 3.63 27.11 -2.64
N CYS A 48 4.71 27.89 -2.55
CA CYS A 48 6.06 27.43 -2.82
C CYS A 48 7.01 27.96 -1.73
N ARG A 49 7.84 27.02 -1.23
CA ARG A 49 8.93 27.31 -0.30
C ARG A 49 10.26 26.75 -0.82
N HIS A 50 10.38 26.72 -2.13
CA HIS A 50 11.62 26.12 -2.70
C HIS A 50 12.82 27.05 -2.70
N CYS A 51 12.70 28.27 -2.17
CA CYS A 51 13.91 29.06 -1.91
C CYS A 51 13.60 30.02 -0.80
N LEU A 52 14.65 30.69 -0.31
CA LEU A 52 14.57 31.58 0.81
C LEU A 52 14.04 32.98 0.49
N GLN A 53 13.61 33.18 -0.73
CA GLN A 53 12.82 34.35 -1.05
C GLN A 53 11.36 34.16 -0.67
N GLY A 54 10.95 32.88 -0.52
CA GLY A 54 9.55 32.62 -0.15
C GLY A 54 9.36 32.81 1.31
N PRO A 55 8.20 32.36 1.82
CA PRO A 55 7.20 31.61 1.03
C PRO A 55 6.48 32.45 -0.01
N CYS A 56 6.19 31.86 -1.16
CA CYS A 56 5.35 32.45 -2.14
C CYS A 56 4.03 31.76 -2.18
N ARG A 57 2.98 32.52 -2.42
CA ARG A 57 1.64 31.99 -2.63
C ARG A 57 1.01 32.70 -3.79
N ILE A 58 -0.04 32.08 -4.33
CA ILE A 58 -0.81 32.69 -5.38
C ILE A 58 -2.29 32.59 -4.99
N ASN A 59 -3.03 33.67 -5.08
CA ASN A 59 -4.47 33.61 -4.82
C ASN A 59 -5.10 32.73 -5.89
N PRO A 60 -5.94 31.76 -5.43
CA PRO A 60 -6.66 30.99 -6.43
C PRO A 60 -7.47 31.91 -7.37
N PHE A 61 -8.13 32.88 -6.78
CA PHE A 61 -8.90 33.89 -7.51
C PHE A 61 -8.74 35.25 -6.88
N GLY A 62 -8.83 36.27 -7.70
CA GLY A 62 -8.84 37.65 -7.26
C GLY A 62 -7.62 38.37 -7.75
N ASP A 63 -7.03 39.13 -6.85
CA ASP A 63 -5.93 40.04 -7.22
C ASP A 63 -4.59 39.45 -6.79
N GLU A 64 -3.54 40.26 -6.76
CA GLU A 64 -2.20 39.82 -6.38
CA GLU A 64 -2.19 39.90 -6.28
C GLU A 64 -2.17 39.27 -4.90
N PRO A 65 -1.25 38.32 -4.65
CA PRO A 65 -0.25 37.83 -5.61
C PRO A 65 -0.82 36.86 -6.66
N LYS A 66 -0.27 36.99 -7.86
CA LYS A 66 -0.61 36.19 -9.04
C LYS A 66 0.49 35.24 -9.48
N VAL A 67 1.71 35.51 -9.09
CA VAL A 67 2.89 34.80 -9.63
C VAL A 67 3.92 34.76 -8.51
N GLY A 68 4.78 33.75 -8.52
CA GLY A 68 5.83 33.65 -7.58
C GLY A 68 6.90 34.76 -7.77
N ILE A 69 7.70 34.98 -6.72
CA ILE A 69 8.72 36.05 -6.80
C ILE A 69 9.68 35.88 -7.95
N CYS A 70 10.11 34.65 -8.22
CA CYS A 70 11.07 34.40 -9.32
C CYS A 70 10.41 34.37 -10.67
N GLY A 71 9.05 34.53 -10.68
CA GLY A 71 8.29 34.38 -11.91
C GLY A 71 7.58 33.04 -12.09
N ALA A 72 7.72 32.12 -11.13
CA ALA A 72 7.06 30.80 -11.22
C ALA A 72 5.53 31.02 -11.27
N THR A 73 4.94 30.44 -12.30
CA THR A 73 3.49 30.53 -12.48
C THR A 73 2.77 29.51 -11.54
N ALA A 74 1.44 29.62 -11.45
CA ALA A 74 0.65 28.60 -10.72
C ALA A 74 0.89 27.24 -11.27
N GLU A 75 0.94 27.12 -12.59
CA GLU A 75 1.22 25.82 -13.29
CA GLU A 75 1.12 25.78 -13.19
C GLU A 75 2.51 25.14 -12.82
N VAL A 76 3.56 25.99 -12.83
CA VAL A 76 4.86 25.51 -12.39
C VAL A 76 4.85 25.15 -10.92
N ILE A 77 4.36 26.02 -10.07
CA ILE A 77 4.38 25.77 -8.63
C ILE A 77 3.62 24.47 -8.31
N VAL A 78 2.43 24.31 -8.89
CA VAL A 78 1.65 23.12 -8.64
C VAL A 78 2.39 21.88 -9.13
N ALA A 79 2.94 21.90 -10.34
CA ALA A 79 3.61 20.74 -10.88
C ALA A 79 4.87 20.39 -10.11
N ARG A 80 5.62 21.39 -9.63
CA ARG A 80 6.84 21.11 -8.85
C ARG A 80 6.50 20.46 -7.54
N GLY A 81 5.48 20.97 -6.87
CA GLY A 81 5.05 20.41 -5.60
C GLY A 81 4.65 18.94 -5.79
N LEU A 82 3.86 18.69 -6.81
CA LEU A 82 3.41 17.31 -7.07
C LEU A 82 4.59 16.42 -7.35
N ASP A 83 5.51 16.87 -8.19
CA ASP A 83 6.67 16.05 -8.50
C ASP A 83 7.46 15.71 -7.27
N ARG A 84 7.67 16.65 -6.35
CA ARG A 84 8.41 16.32 -5.16
C ARG A 84 7.67 15.25 -4.31
N SER A 85 6.33 15.33 -4.29
CA SER A 85 5.59 14.26 -3.54
CA SER A 85 5.54 14.29 -3.57
C SER A 85 5.79 12.87 -4.15
N ILE A 86 5.82 12.85 -5.47
CA ILE A 86 6.09 11.56 -6.17
C ILE A 86 7.45 11.03 -5.84
N ALA A 87 8.45 11.92 -5.87
CA ALA A 87 9.80 11.50 -5.56
C ALA A 87 9.92 10.98 -4.12
N ALA A 88 9.26 11.68 -3.18
CA ALA A 88 9.22 11.23 -1.80
C ALA A 88 8.59 9.84 -1.62
N GLY A 89 7.51 9.62 -2.36
CA GLY A 89 6.88 8.28 -2.32
C GLY A 89 7.81 7.24 -2.90
N ALA A 90 8.45 7.52 -4.03
CA ALA A 90 9.40 6.62 -4.61
C ALA A 90 10.55 6.33 -3.67
N ALA A 91 10.99 7.34 -2.92
CA ALA A 91 12.07 7.15 -2.00
C ALA A 91 11.71 6.17 -0.86
N GLY A 92 10.46 6.21 -0.42
CA GLY A 92 10.00 5.29 0.61
C GLY A 92 9.88 3.86 0.14
N HIS A 93 9.15 3.64 -0.93
CA HIS A 93 8.99 2.26 -1.45
C HIS A 93 10.28 1.68 -1.86
N SER A 94 11.09 2.44 -2.58
CA SER A 94 12.36 1.91 -3.04
C SER A 94 13.41 1.82 -1.91
N GLY A 95 13.33 2.63 -0.85
CA GLY A 95 14.20 2.49 0.32
C GLY A 95 13.92 1.15 1.03
N HIS A 96 12.64 0.82 1.15
CA HIS A 96 12.19 -0.48 1.72
C HIS A 96 12.77 -1.60 0.83
N ALA A 97 12.63 -1.49 -0.49
CA ALA A 97 13.16 -2.51 -1.37
C ALA A 97 14.67 -2.67 -1.32
N LYS A 98 15.36 -1.52 -1.29
CA LYS A 98 16.80 -1.51 -1.17
C LYS A 98 17.26 -2.25 0.08
N HIS A 99 16.60 -1.95 1.20
CA HIS A 99 16.95 -2.58 2.44
CA HIS A 99 16.91 -2.63 2.47
C HIS A 99 16.83 -4.16 2.35
N LEU A 100 15.73 -4.59 1.74
CA LEU A 100 15.53 -6.03 1.51
C LEU A 100 16.58 -6.63 0.57
N ALA A 101 17.02 -5.87 -0.43
CA ALA A 101 18.11 -6.36 -1.30
C ALA A 101 19.35 -6.63 -0.49
N HIS A 102 19.72 -5.69 0.36
CA HIS A 102 20.86 -5.89 1.23
C HIS A 102 20.66 -7.09 2.18
N THR A 103 19.43 -7.24 2.70
CA THR A 103 19.14 -8.39 3.54
C THR A 103 19.37 -9.68 2.79
N LEU A 104 18.85 -9.79 1.58
CA LEU A 104 19.04 -11.02 0.83
C LEU A 104 20.49 -11.31 0.59
N LYS A 105 21.26 -10.29 0.23
CA LYS A 105 22.69 -10.49 0.03
C LYS A 105 23.35 -11.02 1.28
N LYS A 106 23.05 -10.43 2.43
CA LYS A 106 23.58 -10.91 3.71
C LYS A 106 23.23 -12.39 3.96
N ALA A 107 21.97 -12.73 3.66
CA ALA A 107 21.49 -14.06 3.94
C ALA A 107 22.35 -15.06 3.17
N VAL A 108 22.53 -14.84 1.89
CA VAL A 108 23.12 -15.86 1.05
C VAL A 108 24.62 -15.81 1.10
N GLN A 109 25.18 -14.76 1.71
CA GLN A 109 26.61 -14.70 1.97
C GLN A 109 26.99 -15.30 3.31
N GLY A 110 26.02 -15.85 4.02
CA GLY A 110 26.30 -16.48 5.31
C GLY A 110 26.53 -15.50 6.44
N LYS A 111 26.02 -14.29 6.29
CA LYS A 111 26.23 -13.25 7.29
C LYS A 111 25.03 -13.07 8.21
N ALA A 112 23.96 -13.81 8.01
CA ALA A 112 22.76 -13.58 8.85
C ALA A 112 21.84 -14.77 8.78
N ALA A 113 22.16 -15.77 9.59
CA ALA A 113 21.55 -17.05 9.49
C ALA A 113 20.06 -17.10 9.78
N SER A 114 19.52 -16.01 10.34
CA SER A 114 18.05 -15.91 10.57
C SER A 114 17.26 -15.68 9.29
N TYR A 115 17.97 -15.38 8.20
CA TYR A 115 17.37 -15.13 6.91
C TYR A 115 17.89 -16.11 5.90
N MET A 116 17.08 -16.40 4.89
CA MET A 116 17.35 -17.47 3.97
C MET A 116 16.48 -17.33 2.74
N ILE A 117 16.75 -18.16 1.75
CA ILE A 117 15.85 -18.27 0.62
C ILE A 117 14.71 -19.21 1.05
N LYS A 118 13.54 -18.67 1.38
CA LYS A 118 12.39 -19.49 1.75
C LYS A 118 11.66 -19.95 0.53
N ASP A 119 11.52 -19.08 -0.46
CA ASP A 119 10.75 -19.41 -1.64
C ASP A 119 11.62 -19.61 -2.88
N ARG A 120 12.05 -20.85 -3.07
CA ARG A 120 12.99 -21.15 -4.14
C ARG A 120 12.35 -20.97 -5.49
N THR A 121 11.09 -21.30 -5.59
CA THR A 121 10.35 -21.14 -6.84
C THR A 121 10.28 -19.65 -7.25
N LYS A 122 9.99 -18.78 -6.30
CA LYS A 122 9.99 -17.34 -6.57
C LYS A 122 11.36 -16.87 -7.04
N LEU A 123 12.41 -17.32 -6.36
CA LEU A 123 13.80 -16.92 -6.74
C LEU A 123 14.08 -17.26 -8.17
N HIS A 124 13.78 -18.49 -8.55
CA HIS A 124 14.05 -18.91 -9.91
C HIS A 124 13.16 -18.18 -10.93
N SER A 125 11.91 -17.91 -10.59
CA SER A 125 11.08 -17.19 -11.56
C SER A 125 11.52 -15.77 -11.78
N ILE A 126 11.96 -15.11 -10.72
CA ILE A 126 12.44 -13.74 -10.83
C ILE A 126 13.73 -13.73 -11.66
N ALA A 127 14.65 -14.68 -11.40
CA ALA A 127 15.91 -14.76 -12.14
C ALA A 127 15.57 -14.97 -13.62
N LYS A 128 14.58 -15.83 -13.93
CA LYS A 128 14.19 -16.04 -15.34
C LYS A 128 13.57 -14.77 -15.94
N ARG A 129 12.71 -14.09 -15.22
CA ARG A 129 12.12 -12.83 -15.71
C ARG A 129 13.23 -11.81 -16.07
N LEU A 130 14.25 -11.76 -15.24
CA LEU A 130 15.34 -10.82 -15.40
C LEU A 130 16.37 -11.22 -16.42
N GLY A 131 16.34 -12.46 -16.88
CA GLY A 131 17.36 -12.97 -17.78
C GLY A 131 18.65 -13.39 -17.10
N ILE A 132 18.57 -13.74 -15.82
CA ILE A 132 19.73 -14.24 -15.08
C ILE A 132 19.76 -15.76 -15.24
N PRO A 133 20.90 -16.34 -15.62
CA PRO A 133 20.91 -17.82 -15.79
C PRO A 133 20.75 -18.57 -14.48
N THR A 134 20.02 -19.68 -14.53
CA THR A 134 19.84 -20.54 -13.37
C THR A 134 20.48 -21.93 -13.56
N GLU A 135 20.52 -22.40 -14.80
CA GLU A 135 20.91 -23.77 -15.09
C GLU A 135 22.36 -23.97 -14.72
N GLY A 136 22.58 -24.93 -13.83
CA GLY A 136 23.91 -25.20 -13.31
C GLY A 136 24.45 -24.23 -12.27
N GLN A 137 23.58 -23.37 -11.72
CA GLN A 137 24.04 -22.41 -10.72
C GLN A 137 23.52 -22.78 -9.36
N LYS A 138 24.30 -22.52 -8.33
CA LYS A 138 23.81 -22.70 -6.98
C LYS A 138 22.76 -21.63 -6.64
N ASP A 139 21.81 -21.96 -5.77
CA ASP A 139 20.75 -21.00 -5.38
C ASP A 139 21.35 -19.74 -4.75
N GLU A 140 22.36 -19.88 -3.90
CA GLU A 140 22.96 -18.72 -3.28
C GLU A 140 23.55 -17.75 -4.29
N ASP A 141 24.12 -18.30 -5.36
CA ASP A 141 24.71 -17.47 -6.43
C ASP A 141 23.62 -16.83 -7.27
N ILE A 142 22.53 -17.54 -7.55
CA ILE A 142 21.42 -16.94 -8.30
C ILE A 142 20.84 -15.78 -7.47
N ALA A 143 20.64 -16.04 -6.18
CA ALA A 143 20.19 -15.00 -5.27
C ALA A 143 21.13 -13.79 -5.22
N LEU A 144 22.42 -14.03 -5.14
CA LEU A 144 23.37 -12.93 -5.17
C LEU A 144 23.21 -12.11 -6.42
N GLU A 145 23.02 -12.79 -7.54
CA GLU A 145 22.78 -12.09 -8.80
C GLU A 145 21.52 -11.30 -8.82
N VAL A 146 20.47 -11.84 -8.26
CA VAL A 146 19.19 -11.12 -8.16
C VAL A 146 19.38 -9.87 -7.27
N ALA A 147 20.03 -10.01 -6.14
CA ALA A 147 20.21 -8.90 -5.25
C ALA A 147 21.05 -7.82 -5.93
N LYS A 148 22.09 -8.26 -6.64
CA LYS A 148 22.95 -7.32 -7.37
C LYS A 148 22.16 -6.58 -8.42
N ALA A 149 21.32 -7.27 -9.18
CA ALA A 149 20.50 -6.63 -10.16
C ALA A 149 19.53 -5.62 -9.52
N ALA A 150 18.94 -5.97 -8.39
CA ALA A 150 18.08 -5.04 -7.67
C ALA A 150 18.85 -3.79 -7.31
N LEU A 151 20.02 -3.92 -6.69
CA LEU A 151 20.77 -2.75 -6.36
C LEU A 151 21.18 -1.93 -7.57
N ALA A 152 21.45 -2.58 -8.69
CA ALA A 152 21.89 -1.87 -9.88
C ALA A 152 20.80 -1.00 -10.48
N ASP A 153 19.52 -1.33 -10.23
CA ASP A 153 18.41 -0.57 -10.77
C ASP A 153 18.30 0.80 -10.06
N PHE A 154 19.08 1.05 -9.01
CA PHE A 154 19.00 2.35 -8.35
C PHE A 154 19.80 3.45 -9.03
N HIS A 155 20.70 3.09 -9.95
CA HIS A 155 21.63 4.05 -10.60
C HIS A 155 21.60 3.82 -12.08
N GLU A 156 22.18 4.78 -12.82
CA GLU A 156 22.32 4.63 -14.26
C GLU A 156 23.27 3.47 -14.59
N LYS A 157 22.99 2.81 -15.69
CA LYS A 157 23.84 1.74 -16.19
C LYS A 157 23.45 1.56 -17.65
N ASP A 158 23.90 0.46 -18.25
CA ASP A 158 23.72 0.25 -19.71
C ASP A 158 22.33 -0.27 -20.05
N THR A 159 21.50 -0.57 -19.04
CA THR A 159 20.11 -0.91 -19.24
C THR A 159 19.26 0.09 -18.44
N PRO A 160 18.00 0.30 -18.86
CA PRO A 160 17.07 1.01 -17.96
C PRO A 160 16.68 0.17 -16.75
N VAL A 161 15.80 0.71 -15.91
CA VAL A 161 15.35 0.00 -14.73
C VAL A 161 14.58 -1.31 -15.09
N LEU A 162 15.19 -2.47 -14.82
CA LEU A 162 14.66 -3.76 -15.21
C LEU A 162 13.36 -4.08 -14.43
N TRP A 163 13.25 -3.56 -13.23
CA TRP A 163 12.00 -3.69 -12.47
C TRP A 163 10.86 -2.81 -12.97
N VAL A 164 11.10 -2.13 -14.09
CA VAL A 164 10.04 -1.64 -14.95
C VAL A 164 9.95 -2.44 -16.26
N THR A 165 11.04 -2.52 -17.01
CA THR A 165 10.96 -3.03 -18.37
C THR A 165 10.67 -4.53 -18.45
N THR A 166 10.99 -5.28 -17.38
CA THR A 166 10.70 -6.70 -17.37
C THR A 166 9.36 -7.09 -16.75
N VAL A 167 8.57 -6.11 -16.31
CA VAL A 167 7.33 -6.40 -15.58
C VAL A 167 6.13 -5.89 -16.31
N LEU A 168 6.34 -5.10 -17.33
CA LEU A 168 5.22 -4.63 -18.14
C LEU A 168 5.38 -5.29 -19.52
N PRO A 169 4.29 -5.33 -20.28
CA PRO A 169 4.39 -5.92 -21.64
C PRO A 169 5.18 -5.05 -22.56
N PRO A 170 5.88 -5.66 -23.53
CA PRO A 170 6.62 -4.86 -24.46
C PRO A 170 5.84 -3.72 -25.07
N SER A 171 4.56 -3.91 -25.45
CA SER A 171 3.85 -2.79 -26.09
C SER A 171 3.68 -1.58 -25.17
N ARG A 172 3.52 -1.84 -23.87
CA ARG A 172 3.48 -0.77 -22.87
C ARG A 172 4.83 -0.07 -22.71
N VAL A 173 5.89 -0.90 -22.64
CA VAL A 173 7.23 -0.33 -22.55
C VAL A 173 7.54 0.54 -23.75
N LYS A 174 7.06 0.13 -24.93
CA LYS A 174 7.28 0.88 -26.13
C LYS A 174 6.57 2.21 -26.12
N VAL A 175 5.33 2.26 -25.63
CA VAL A 175 4.59 3.52 -25.52
C VAL A 175 5.28 4.46 -24.53
N LEU A 176 5.75 3.91 -23.41
CA LEU A 176 6.39 4.71 -22.38
C LEU A 176 7.74 5.24 -22.91
N SER A 177 8.54 4.36 -23.51
CA SER A 177 9.83 4.76 -24.13
CA SER A 177 9.82 4.76 -24.12
C SER A 177 9.69 5.88 -25.12
N ALA A 178 8.65 5.85 -25.92
CA ALA A 178 8.40 6.85 -26.93
C ALA A 178 8.22 8.24 -26.34
N HIS A 179 7.72 8.29 -25.11
CA HIS A 179 7.53 9.54 -24.42
C HIS A 179 8.65 9.83 -23.42
N GLY A 180 9.71 9.06 -23.48
CA GLY A 180 10.85 9.22 -22.56
C GLY A 180 10.59 8.96 -21.09
N LEU A 181 9.65 8.05 -20.83
CA LEU A 181 9.17 7.82 -19.47
C LEU A 181 9.81 6.67 -18.73
N ILE A 182 10.63 5.85 -19.41
CA ILE A 182 11.21 4.73 -18.70
C ILE A 182 12.36 5.24 -17.82
N PRO A 183 12.30 4.96 -16.51
CA PRO A 183 13.35 5.46 -15.62
C PRO A 183 14.74 4.91 -15.93
N ALA A 184 15.77 5.71 -15.69
CA ALA A 184 17.11 5.32 -15.96
C ALA A 184 17.72 4.64 -14.73
N GLY A 185 17.24 5.02 -13.55
CA GLY A 185 17.71 4.50 -12.30
C GLY A 185 16.80 5.03 -11.21
N ILE A 186 16.51 4.27 -10.16
CA ILE A 186 15.52 4.69 -9.17
C ILE A 186 16.00 5.95 -8.43
N ASP A 187 17.14 5.88 -7.78
CA ASP A 187 17.63 7.05 -7.02
C ASP A 187 18.04 8.19 -7.98
N HIS A 188 18.48 7.81 -9.19
CA HIS A 188 18.73 8.79 -10.21
C HIS A 188 17.54 9.68 -10.49
N GLU A 189 16.36 9.04 -10.68
CA GLU A 189 15.16 9.81 -10.99
C GLU A 189 14.74 10.66 -9.79
N ILE A 190 14.82 10.12 -8.57
CA ILE A 190 14.43 10.87 -7.40
C ILE A 190 15.26 12.15 -7.36
N ALA A 191 16.57 11.99 -7.51
CA ALA A 191 17.47 13.16 -7.49
C ALA A 191 17.15 14.12 -8.63
N GLU A 192 16.87 13.62 -9.82
CA GLU A 192 16.59 14.50 -10.94
C GLU A 192 15.31 15.31 -10.69
N ILE A 193 14.32 14.70 -10.01
CA ILE A 193 13.13 15.46 -9.67
C ILE A 193 13.48 16.60 -8.69
N MET A 194 14.27 16.30 -7.68
CA MET A 194 14.61 17.29 -6.69
C MET A 194 15.38 18.45 -7.36
N HIS A 195 16.27 18.12 -8.29
CA HIS A 195 17.02 19.12 -9.03
C HIS A 195 16.06 19.95 -9.88
N ARG A 196 15.27 19.30 -10.75
CA ARG A 196 14.49 20.03 -11.71
C ARG A 196 13.44 20.96 -11.09
N THR A 197 12.97 20.57 -9.89
CA THR A 197 12.00 21.32 -9.18
C THR A 197 12.56 22.40 -8.27
N SER A 198 13.88 22.43 -8.13
CA SER A 198 14.52 23.48 -7.35
C SER A 198 14.45 24.84 -8.10
N MET A 199 14.74 25.90 -7.39
CA MET A 199 14.51 27.24 -7.96
C MET A 199 15.28 27.45 -9.24
N GLY A 200 14.62 28.02 -10.22
CA GLY A 200 15.30 28.45 -11.42
C GLY A 200 15.74 27.32 -12.35
N CYS A 201 15.00 26.20 -12.28
CA CYS A 201 15.20 25.07 -13.14
C CYS A 201 13.99 24.87 -14.04
N ASP A 202 13.39 23.67 -13.99
CA ASP A 202 12.30 23.40 -14.91
C ASP A 202 11.09 24.25 -14.57
N ALA A 203 10.48 24.81 -15.61
CA ALA A 203 9.38 25.78 -15.49
C ALA A 203 8.48 25.67 -16.70
N ASP A 204 8.11 24.42 -17.03
CA ASP A 204 7.13 24.09 -18.06
C ASP A 204 6.30 22.94 -17.49
N ALA A 205 5.02 23.16 -17.31
CA ALA A 205 4.18 22.18 -16.62
C ALA A 205 4.23 20.82 -17.29
N GLN A 206 4.07 20.77 -18.59
CA GLN A 206 4.14 19.47 -19.29
CA GLN A 206 4.13 19.46 -19.28
C GLN A 206 5.47 18.75 -19.07
N ASN A 207 6.58 19.48 -19.20
CA ASN A 207 7.88 18.89 -18.98
C ASN A 207 7.99 18.36 -17.55
N LEU A 208 7.58 19.17 -16.59
CA LEU A 208 7.63 18.78 -15.21
C LEU A 208 6.83 17.49 -14.95
N LEU A 209 5.62 17.48 -15.51
CA LEU A 209 4.72 16.34 -15.22
C LEU A 209 5.18 15.07 -15.93
N LEU A 210 5.79 15.17 -17.10
CA LEU A 210 6.43 14.01 -17.72
C LEU A 210 7.52 13.46 -16.83
N GLY A 211 8.30 14.34 -16.21
CA GLY A 211 9.28 13.89 -15.25
C GLY A 211 8.65 13.15 -14.06
N GLY A 212 7.54 13.69 -13.56
CA GLY A 212 6.77 13.01 -12.52
C GLY A 212 6.29 11.62 -12.88
N LEU A 213 5.76 11.51 -14.11
CA LEU A 213 5.33 10.18 -14.58
C LEU A 213 6.50 9.21 -14.58
N ARG A 214 7.66 9.64 -15.08
CA ARG A 214 8.85 8.78 -15.06
C ARG A 214 9.27 8.41 -13.64
N CYS A 215 9.23 9.36 -12.72
CA CYS A 215 9.59 9.08 -11.36
C CYS A 215 8.55 8.13 -10.71
N SER A 216 7.31 8.22 -11.14
CA SER A 216 6.26 7.29 -10.60
C SER A 216 6.61 5.87 -11.05
N LEU A 217 7.19 5.67 -12.22
CA LEU A 217 7.64 4.34 -12.63
C LEU A 217 8.82 3.86 -11.82
N ALA A 218 9.73 4.76 -11.40
CA ALA A 218 10.72 4.40 -10.42
C ALA A 218 10.08 3.89 -9.12
N ASP A 219 8.99 4.54 -8.68
CA ASP A 219 8.24 4.06 -7.52
C ASP A 219 7.66 2.65 -7.77
N LEU A 220 7.07 2.43 -8.92
CA LEU A 220 6.59 1.10 -9.30
C LEU A 220 7.68 0.05 -9.22
N ALA A 221 8.85 0.39 -9.76
CA ALA A 221 9.96 -0.54 -9.71
C ALA A 221 10.29 -0.86 -8.27
N GLY A 222 10.34 0.13 -7.41
CA GLY A 222 10.58 -0.09 -6.00
C GLY A 222 9.56 -0.99 -5.31
N CYS A 223 8.31 -0.78 -5.64
CA CYS A 223 7.21 -1.61 -5.14
C CYS A 223 7.43 -3.09 -5.60
N TYR A 224 7.64 -3.25 -6.89
CA TYR A 224 7.73 -4.60 -7.47
C TYR A 224 8.94 -5.31 -6.89
N MET A 225 10.06 -4.59 -6.79
CA MET A 225 11.29 -5.14 -6.18
C MET A 225 11.05 -5.56 -4.73
N GLY A 226 10.36 -4.70 -3.98
CA GLY A 226 10.09 -5.02 -2.61
C GLY A 226 9.24 -6.29 -2.42
N THR A 227 8.20 -6.42 -3.24
CA THR A 227 7.37 -7.64 -3.21
C THR A 227 8.21 -8.85 -3.58
N ASP A 228 8.98 -8.75 -4.67
CA ASP A 228 9.80 -9.88 -5.15
C ASP A 228 10.74 -10.33 -4.06
N LEU A 229 11.47 -9.41 -3.45
CA LEU A 229 12.51 -9.77 -2.47
C LEU A 229 11.85 -10.31 -1.18
N ALA A 230 10.78 -9.70 -0.74
CA ALA A 230 10.09 -10.22 0.48
C ALA A 230 9.52 -11.60 0.24
N ASP A 231 9.06 -11.84 -0.96
CA ASP A 231 8.53 -13.22 -1.25
C ASP A 231 9.68 -14.23 -1.22
N ILE A 232 10.86 -13.89 -1.81
CA ILE A 232 11.98 -14.81 -1.73
C ILE A 232 12.35 -15.09 -0.29
N LEU A 233 12.48 -14.02 0.50
CA LEU A 233 12.97 -14.14 1.86
C LEU A 233 11.95 -14.81 2.79
N PHE A 234 10.66 -14.50 2.61
CA PHE A 234 9.69 -14.80 3.63
C PHE A 234 8.57 -15.71 3.19
N GLY A 235 8.49 -15.96 1.91
CA GLY A 235 7.47 -16.85 1.30
C GLY A 235 6.42 -16.08 0.51
N THR A 236 6.06 -16.57 -0.67
CA THR A 236 4.97 -15.99 -1.42
C THR A 236 3.65 -16.31 -0.74
N PRO A 237 2.79 -15.31 -0.49
CA PRO A 237 1.50 -15.63 0.18
C PRO A 237 0.63 -16.56 -0.60
N ALA A 238 -0.11 -17.34 0.19
CA ALA A 238 -1.19 -18.21 -0.30
C ALA A 238 -2.38 -17.99 0.66
N PRO A 239 -3.58 -18.51 0.23
CA PRO A 239 -4.75 -18.22 1.03
C PRO A 239 -4.63 -18.60 2.48
N VAL A 240 -5.11 -17.71 3.36
CA VAL A 240 -4.97 -17.90 4.80
C VAL A 240 -6.19 -17.28 5.47
N VAL A 241 -6.57 -17.80 6.64
CA VAL A 241 -7.74 -17.33 7.36
C VAL A 241 -7.30 -16.73 8.69
N THR A 242 -7.77 -15.50 8.96
CA THR A 242 -7.45 -14.86 10.20
C THR A 242 -8.55 -13.93 10.62
N GLU A 243 -8.26 -12.91 11.42
CA GLU A 243 -9.25 -12.00 11.91
C GLU A 243 -8.67 -10.57 11.90
N SER A 244 -9.55 -9.60 12.05
CA SER A 244 -9.16 -8.20 12.08
C SER A 244 -10.01 -7.40 13.05
N ASN A 245 -9.40 -6.27 13.47
CA ASN A 245 -9.97 -5.26 14.33
C ASN A 245 -9.53 -5.41 15.76
N LEU A 246 -9.87 -4.44 16.61
CA LEU A 246 -9.25 -4.38 17.93
C LEU A 246 -9.55 -5.58 18.80
N GLY A 247 -10.68 -6.24 18.55
CA GLY A 247 -11.05 -7.41 19.30
C GLY A 247 -10.08 -8.57 19.17
N VAL A 248 -9.09 -8.49 18.28
CA VAL A 248 -8.01 -9.51 18.22
C VAL A 248 -6.99 -9.37 19.33
N LEU A 249 -7.02 -8.25 20.04
CA LEU A 249 -6.24 -8.11 21.24
C LEU A 249 -6.82 -9.01 22.33
N LYS A 250 -5.96 -9.45 23.25
CA LYS A 250 -6.36 -10.36 24.36
C LYS A 250 -5.86 -9.81 25.66
N ALA A 251 -6.76 -9.58 26.63
CA ALA A 251 -6.33 -9.01 27.90
C ALA A 251 -5.30 -9.91 28.56
N ASP A 252 -5.53 -11.23 28.50
CA ASP A 252 -4.68 -12.19 29.24
C ASP A 252 -3.37 -12.56 28.54
N ALA A 253 -3.08 -11.94 27.40
CA ALA A 253 -1.86 -12.17 26.70
C ALA A 253 -0.96 -10.96 26.66
N VAL A 254 0.33 -11.16 26.31
CA VAL A 254 1.20 -10.05 25.95
C VAL A 254 0.86 -9.62 24.53
N ASN A 255 0.29 -8.44 24.37
CA ASN A 255 -0.09 -7.98 23.05
C ASN A 255 1.02 -7.12 22.44
N VAL A 256 1.53 -7.57 21.30
CA VAL A 256 2.64 -6.90 20.60
C VAL A 256 2.22 -6.56 19.17
N ALA A 257 2.14 -5.26 18.87
CA ALA A 257 1.86 -4.82 17.52
C ALA A 257 3.16 -4.65 16.75
N VAL A 258 3.13 -5.09 15.52
CA VAL A 258 4.18 -4.81 14.54
C VAL A 258 3.60 -3.82 13.54
N HIS A 259 4.33 -2.71 13.33
CA HIS A 259 3.81 -1.51 12.69
C HIS A 259 4.92 -0.85 11.84
N GLY A 260 4.52 -0.46 10.66
CA GLY A 260 5.43 0.15 9.69
C GLY A 260 5.16 -0.48 8.34
N HIS A 261 6.21 -0.64 7.55
CA HIS A 261 6.11 -1.28 6.22
C HIS A 261 7.10 -2.37 5.93
N ASN A 262 8.33 -2.28 6.41
CA ASN A 262 9.36 -3.28 6.09
C ASN A 262 9.33 -4.30 7.18
N PRO A 263 9.00 -5.57 6.81
CA PRO A 263 8.76 -6.62 7.83
C PRO A 263 10.02 -7.39 8.19
N VAL A 264 11.20 -6.87 7.79
CA VAL A 264 12.44 -7.65 7.85
C VAL A 264 12.68 -8.13 9.27
N LEU A 265 12.39 -7.31 10.28
CA LEU A 265 12.52 -7.78 11.68
C LEU A 265 11.22 -8.39 12.21
N SER A 266 10.10 -7.80 11.82
CA SER A 266 8.80 -8.25 12.34
C SER A 266 8.45 -9.68 11.90
N ASP A 267 8.98 -10.14 10.77
CA ASP A 267 8.77 -11.54 10.39
C ASP A 267 9.52 -12.44 11.39
N ILE A 268 10.69 -12.03 11.85
CA ILE A 268 11.43 -12.76 12.89
C ILE A 268 10.74 -12.67 14.26
N ILE A 269 10.13 -11.55 14.57
CA ILE A 269 9.38 -11.43 15.81
C ILE A 269 8.25 -12.45 15.85
N VAL A 270 7.58 -12.60 14.71
CA VAL A 270 6.49 -13.59 14.68
C VAL A 270 7.02 -14.98 15.10
N SER A 271 8.11 -15.41 14.52
CA SER A 271 8.60 -16.76 14.76
C SER A 271 9.20 -16.94 16.18
N VAL A 272 9.95 -15.95 16.62
CA VAL A 272 10.54 -15.98 17.97
C VAL A 272 9.47 -15.87 19.07
N SER A 273 8.41 -15.14 18.81
CA SER A 273 7.33 -15.03 19.86
C SER A 273 6.76 -16.37 20.27
N LYS A 274 6.66 -17.25 19.29
CA LYS A 274 6.19 -18.59 19.57
C LYS A 274 7.10 -19.37 20.50
N GLU A 275 8.38 -19.13 20.31
CA GLU A 275 9.44 -19.76 21.08
C GLU A 275 9.33 -19.31 22.50
N MET A 276 8.70 -18.15 22.70
CA MET A 276 8.87 -17.55 24.03
C MET A 276 7.59 -17.71 24.85
N GLU A 277 6.75 -18.61 24.41
CA GLU A 277 5.44 -18.88 25.05
C GLU A 277 5.56 -19.26 26.55
N ASN A 278 6.49 -20.16 26.85
CA ASN A 278 6.66 -20.62 28.22
C ASN A 278 7.24 -19.51 29.13
N GLU A 279 8.08 -18.65 28.56
CA GLU A 279 8.52 -17.46 29.24
C GLU A 279 7.42 -16.40 29.51
N ALA A 280 6.53 -16.20 28.54
CA ALA A 280 5.36 -15.33 28.79
C ALA A 280 4.42 -15.93 29.83
N ARG A 281 4.31 -17.24 29.85
CA ARG A 281 3.44 -17.89 30.85
C ARG A 281 4.01 -17.77 32.24
N ALA A 282 5.33 -17.82 32.33
CA ALA A 282 5.99 -17.56 33.58
C ALA A 282 5.68 -16.18 34.14
N ALA A 283 5.47 -15.21 33.25
CA ALA A 283 5.14 -13.84 33.65
C ALA A 283 3.64 -13.62 33.86
N GLY A 284 2.89 -14.70 33.79
CA GLY A 284 1.45 -14.62 34.07
C GLY A 284 0.56 -14.44 32.85
N ALA A 285 1.15 -14.48 31.67
CA ALA A 285 0.39 -14.32 30.44
C ALA A 285 0.07 -15.70 29.82
N THR A 286 -0.92 -15.74 28.96
CA THR A 286 -1.20 -16.97 28.22
C THR A 286 -0.17 -17.29 27.12
N GLY A 287 0.52 -16.25 26.67
CA GLY A 287 1.42 -16.34 25.54
C GLY A 287 1.62 -14.96 24.99
N ILE A 288 2.37 -14.86 23.89
CA ILE A 288 2.58 -13.60 23.19
C ILE A 288 1.66 -13.57 21.99
N ASN A 289 0.82 -12.54 21.95
CA ASN A 289 -0.15 -12.36 20.89
C ASN A 289 0.39 -11.21 19.96
N VAL A 290 1.01 -11.57 18.85
CA VAL A 290 1.47 -10.63 17.86
C VAL A 290 0.31 -10.22 16.98
N VAL A 291 0.15 -8.91 16.81
CA VAL A 291 -0.90 -8.38 15.98
C VAL A 291 -0.30 -7.35 15.02
N GLY A 292 -1.02 -7.06 13.94
CA GLY A 292 -0.51 -6.14 12.92
C GLY A 292 -1.16 -4.78 12.93
N ILE A 293 -0.36 -3.77 12.60
CA ILE A 293 -0.87 -2.41 12.25
C ILE A 293 -0.26 -2.05 10.90
N CYS A 294 -1.06 -1.41 10.06
CA CYS A 294 -0.57 -0.94 8.81
C CYS A 294 0.10 -2.03 8.00
N CYS A 295 1.12 -1.71 7.20
N CYS A 295 1.12 -1.72 7.22
CA CYS A 295 1.58 -2.66 6.17
CA CYS A 295 1.53 -2.69 6.19
C CYS A 295 2.48 -3.74 6.69
C CYS A 295 2.50 -3.76 6.65
N THR A 296 3.30 -3.48 7.69
CA THR A 296 4.07 -4.56 8.31
C THR A 296 3.06 -5.59 8.83
N GLY A 297 1.92 -5.11 9.38
CA GLY A 297 0.80 -5.96 9.71
C GLY A 297 0.27 -6.72 8.51
N ASN A 298 0.03 -6.07 7.40
CA ASN A 298 -0.38 -6.74 6.18
C ASN A 298 0.61 -7.84 5.73
N GLU A 299 1.92 -7.58 5.83
CA GLU A 299 2.92 -8.56 5.44
C GLU A 299 2.78 -9.83 6.25
N VAL A 300 2.69 -9.68 7.55
CA VAL A 300 2.64 -10.87 8.40
C VAL A 300 1.25 -11.55 8.40
N LEU A 301 0.22 -10.78 8.08
CA LEU A 301 -1.14 -11.32 7.83
C LEU A 301 -1.11 -12.19 6.58
N MET A 302 -0.54 -11.68 5.51
CA MET A 302 -0.55 -12.35 4.22
C MET A 302 0.29 -13.63 4.27
N ARG A 303 1.40 -13.65 5.01
CA ARG A 303 2.26 -14.79 5.02
C ARG A 303 1.93 -15.79 6.14
N HIS A 304 1.49 -15.28 7.28
CA HIS A 304 1.40 -16.09 8.48
C HIS A 304 0.04 -16.10 9.15
N GLY A 305 -0.91 -15.33 8.63
CA GLY A 305 -2.23 -15.25 9.26
C GLY A 305 -2.23 -14.50 10.58
N ILE A 306 -1.24 -13.63 10.79
CA ILE A 306 -1.26 -12.81 11.97
C ILE A 306 -2.45 -11.85 11.86
N PRO A 307 -3.26 -11.78 12.95
CA PRO A 307 -4.46 -10.97 12.85
C PRO A 307 -4.10 -9.45 12.82
N ALA A 308 -4.86 -8.72 12.08
CA ALA A 308 -4.66 -7.28 11.94
C ALA A 308 -5.45 -6.55 13.02
N CYS A 309 -4.78 -5.73 13.82
CA CYS A 309 -5.40 -4.94 14.86
C CYS A 309 -6.13 -3.73 14.32
N THR A 310 -5.38 -2.88 13.61
CA THR A 310 -5.93 -1.67 13.01
C THR A 310 -5.02 -1.14 11.94
N HIS A 311 -5.43 0.01 11.37
N HIS A 311 -5.40 0.01 11.37
CA HIS A 311 -4.76 0.64 10.23
CA HIS A 311 -4.69 0.57 10.24
C HIS A 311 -4.78 2.16 10.34
C HIS A 311 -4.43 2.07 10.50
N SER A 312 -3.95 2.74 9.51
CA SER A 312 -3.63 4.15 9.36
C SER A 312 -4.16 5.06 10.42
N VAL A 313 -5.24 5.70 10.07
CA VAL A 313 -5.70 6.86 10.83
C VAL A 313 -6.04 6.51 12.27
N SER A 314 -6.51 5.27 12.50
CA SER A 314 -6.98 4.83 13.81
C SER A 314 -5.89 4.13 14.63
N GLN A 315 -4.63 4.18 14.18
CA GLN A 315 -3.58 3.44 14.90
C GLN A 315 -3.45 3.73 16.39
N GLU A 316 -3.71 4.98 16.82
CA GLU A 316 -3.55 5.32 18.24
C GLU A 316 -4.58 4.51 19.11
N MET A 317 -5.69 4.15 18.51
CA MET A 317 -6.77 3.51 19.23
C MET A 317 -6.38 2.16 19.79
N ALA A 318 -5.45 1.49 19.16
CA ALA A 318 -4.98 0.22 19.73
C ALA A 318 -4.36 0.46 21.10
N MET A 319 -3.66 1.59 21.28
CA MET A 319 -3.04 1.89 22.56
C MET A 319 -4.08 2.22 23.61
N ILE A 320 -5.13 2.91 23.17
CA ILE A 320 -6.15 3.38 24.11
C ILE A 320 -6.85 2.23 24.84
N THR A 321 -6.81 1.03 24.27
CA THR A 321 -7.43 -0.11 24.96
C THR A 321 -6.79 -0.36 26.32
N GLY A 322 -5.53 0.04 26.51
CA GLY A 322 -4.78 -0.30 27.71
C GLY A 322 -4.06 -1.66 27.68
N ALA A 323 -4.31 -2.45 26.63
CA ALA A 323 -3.82 -3.82 26.53
C ALA A 323 -2.63 -3.94 25.58
N LEU A 324 -2.19 -2.85 24.95
CA LEU A 324 -1.09 -2.98 23.97
C LEU A 324 0.21 -2.84 24.69
N ASP A 325 0.87 -3.95 24.91
CA ASP A 325 2.08 -3.95 25.73
C ASP A 325 3.28 -3.43 24.98
N ALA A 326 3.34 -3.67 23.70
CA ALA A 326 4.44 -3.13 22.90
C ALA A 326 3.99 -2.83 21.50
N MET A 327 4.61 -1.79 20.93
CA MET A 327 4.42 -1.43 19.52
C MET A 327 5.79 -1.33 18.85
N ILE A 328 6.06 -2.23 17.93
N ILE A 328 6.08 -2.24 17.92
CA ILE A 328 7.39 -2.41 17.38
CA ILE A 328 7.42 -2.40 17.36
C ILE A 328 7.42 -1.76 15.99
C ILE A 328 7.42 -1.76 15.99
N LEU A 329 8.21 -0.69 15.85
CA LEU A 329 8.14 0.20 14.67
C LEU A 329 9.33 0.05 13.75
N ASP A 330 9.04 -0.01 12.47
CA ASP A 330 10.09 0.13 11.46
C ASP A 330 9.99 1.57 10.87
N TYR A 331 9.38 1.76 9.72
CA TYR A 331 9.26 3.09 9.16
C TYR A 331 8.02 3.20 8.30
N GLN A 332 7.57 4.44 8.14
CA GLN A 332 6.49 4.90 7.26
C GLN A 332 5.13 4.73 7.88
N CYS A 333 4.37 5.82 7.88
CA CYS A 333 2.96 5.81 8.26
C CYS A 333 2.70 5.64 9.74
N ILE A 334 3.72 5.82 10.57
CA ILE A 334 3.60 5.78 12.01
C ILE A 334 3.38 7.16 12.56
N GLN A 335 2.19 7.42 13.08
CA GLN A 335 1.96 8.74 13.70
C GLN A 335 2.92 8.89 14.88
N PRO A 336 3.73 10.01 14.85
CA PRO A 336 4.70 10.12 15.94
C PRO A 336 4.05 10.40 17.30
N SER A 337 2.75 10.77 17.29
CA SER A 337 1.96 10.84 18.53
C SER A 337 2.06 9.57 19.36
N VAL A 338 2.31 8.43 18.75
CA VAL A 338 2.33 7.18 19.54
C VAL A 338 3.35 7.28 20.68
N ALA A 339 4.48 7.97 20.45
CA ALA A 339 5.49 8.03 21.49
C ALA A 339 5.05 8.75 22.72
N THR A 340 4.20 9.76 22.54
CA THR A 340 3.68 10.47 23.65
C THR A 340 2.45 9.81 24.29
N ILE A 341 1.58 9.28 23.47
CA ILE A 341 0.39 8.57 23.99
C ILE A 341 0.85 7.42 24.88
N ALA A 342 1.99 6.81 24.54
CA ALA A 342 2.54 5.70 25.32
C ALA A 342 2.75 6.06 26.77
N GLU A 343 3.03 7.34 27.07
CA GLU A 343 3.28 7.76 28.45
C GLU A 343 1.99 7.57 29.28
N CYS A 344 0.83 7.75 28.63
CA CYS A 344 -0.49 7.64 29.25
C CYS A 344 -1.00 6.20 29.29
N THR A 345 -0.72 5.44 28.26
CA THR A 345 -1.28 4.11 28.11
C THR A 345 -0.40 3.01 28.66
N GLY A 346 0.87 3.27 28.89
CA GLY A 346 1.81 2.26 29.36
C GLY A 346 2.49 1.40 28.29
N THR A 347 2.10 1.57 27.05
CA THR A 347 2.64 0.80 25.96
C THR A 347 4.14 1.11 25.85
N THR A 348 4.92 0.10 25.53
CA THR A 348 6.32 0.28 25.18
C THR A 348 6.46 0.41 23.67
N VAL A 349 6.83 1.61 23.23
CA VAL A 349 6.99 1.90 21.80
C VAL A 349 8.48 1.87 21.47
N ILE A 350 8.81 1.00 20.53
CA ILE A 350 10.18 0.67 20.21
C ILE A 350 10.49 0.93 18.75
N THR A 351 11.47 1.79 18.45
CA THR A 351 11.94 1.97 17.09
C THR A 351 13.09 1.01 16.83
N THR A 352 13.30 0.72 15.55
CA THR A 352 14.27 -0.30 15.14
C THR A 352 15.18 0.04 13.95
N MET A 353 14.80 1.06 13.20
CA MET A 353 15.55 1.46 12.01
C MET A 353 16.26 2.79 12.24
N GLU A 354 17.51 2.83 11.84
CA GLU A 354 18.39 3.93 12.09
C GLU A 354 17.83 5.28 11.63
N MET A 355 17.22 5.29 10.45
CA MET A 355 16.70 6.50 9.87
C MET A 355 15.28 6.80 10.27
N SER A 356 14.73 6.13 11.30
CA SER A 356 13.36 6.41 11.72
C SER A 356 13.21 6.30 13.25
N LYS A 357 13.58 7.34 13.95
CA LYS A 357 13.50 7.39 15.39
C LYS A 357 12.42 8.36 15.81
N ILE A 358 11.90 8.17 17.03
CA ILE A 358 10.85 9.07 17.55
C ILE A 358 11.21 9.47 18.94
N THR A 359 11.35 10.77 19.19
CA THR A 359 11.72 11.22 20.51
C THR A 359 10.76 10.64 21.56
N GLY A 360 11.34 10.05 22.58
CA GLY A 360 10.60 9.46 23.67
C GLY A 360 10.38 7.97 23.55
N ALA A 361 10.66 7.38 22.38
CA ALA A 361 10.56 5.96 22.18
C ALA A 361 11.90 5.30 22.42
N THR A 362 11.88 4.08 22.92
CA THR A 362 13.07 3.32 23.13
C THR A 362 13.54 2.80 21.77
N HIS A 363 14.85 2.92 21.50
CA HIS A 363 15.41 2.48 20.21
C HIS A 363 16.22 1.18 20.38
N VAL A 364 15.94 0.20 19.52
CA VAL A 364 16.76 -1.03 19.41
C VAL A 364 17.50 -1.00 18.04
N ASN A 365 18.80 -1.11 18.06
CA ASN A 365 19.60 -1.04 16.82
C ASN A 365 19.52 -2.39 16.08
N PHE A 366 18.41 -2.64 15.39
CA PHE A 366 18.25 -3.88 14.64
C PHE A 366 19.38 -4.11 13.66
N ALA A 367 19.88 -5.32 13.64
CA ALA A 367 20.80 -5.73 12.62
C ALA A 367 20.43 -7.16 12.25
N GLU A 368 20.50 -7.49 10.97
CA GLU A 368 20.12 -8.85 10.54
CA GLU A 368 20.13 -8.84 10.53
C GLU A 368 20.90 -9.94 11.27
N GLU A 369 22.20 -9.68 11.51
CA GLU A 369 23.11 -10.64 12.12
C GLU A 369 22.67 -10.90 13.56
N ALA A 370 21.90 -9.99 14.14
CA ALA A 370 21.51 -10.12 15.54
C ALA A 370 20.02 -10.22 15.67
N ALA A 371 19.32 -10.58 14.62
CA ALA A 371 17.85 -10.44 14.61
C ALA A 371 17.18 -11.21 15.77
N VAL A 372 17.57 -12.46 16.04
CA VAL A 372 16.94 -13.17 17.12
C VAL A 372 17.19 -12.56 18.48
N GLU A 373 18.43 -12.13 18.72
CA GLU A 373 18.77 -11.41 19.95
C GLU A 373 17.94 -10.14 20.11
N ASN A 374 17.78 -9.43 19.00
CA ASN A 374 16.99 -8.20 19.01
C ASN A 374 15.54 -8.52 19.36
N ALA A 375 15.02 -9.52 18.67
CA ALA A 375 13.64 -9.92 18.90
C ALA A 375 13.40 -10.32 20.35
N LYS A 376 14.32 -11.08 20.96
CA LYS A 376 14.09 -11.48 22.35
C LYS A 376 14.18 -10.27 23.31
N GLN A 377 15.09 -9.33 23.04
CA GLN A 377 15.20 -8.17 23.89
C GLN A 377 13.88 -7.41 23.88
N ILE A 378 13.36 -7.22 22.67
CA ILE A 378 12.11 -6.47 22.43
C ILE A 378 10.94 -7.19 23.09
N LEU A 379 10.85 -8.50 22.91
CA LEU A 379 9.79 -9.28 23.53
C LEU A 379 9.86 -9.31 25.03
N ARG A 380 11.07 -9.25 25.57
CA ARG A 380 11.23 -9.18 27.01
C ARG A 380 10.78 -7.86 27.61
N LEU A 381 11.00 -6.77 26.89
CA LEU A 381 10.43 -5.48 27.26
C LEU A 381 8.90 -5.56 27.25
N ALA A 382 8.34 -6.22 26.25
CA ALA A 382 6.88 -6.37 26.19
C ALA A 382 6.34 -7.18 27.35
N ILE A 383 7.00 -8.25 27.69
CA ILE A 383 6.60 -9.09 28.82
C ILE A 383 6.68 -8.29 30.11
N ASP A 384 7.77 -7.56 30.31
CA ASP A 384 7.85 -6.67 31.47
C ASP A 384 6.67 -5.71 31.54
N THR A 385 6.27 -5.18 30.39
CA THR A 385 5.16 -4.25 30.31
C THR A 385 3.83 -4.92 30.68
N PHE A 386 3.59 -6.11 30.17
CA PHE A 386 2.44 -6.91 30.56
C PHE A 386 2.42 -7.07 32.07
N LYS A 387 3.57 -7.35 32.68
CA LYS A 387 3.59 -7.56 34.14
C LYS A 387 3.17 -6.30 34.90
N ARG A 388 3.57 -5.15 34.36
CA ARG A 388 3.29 -3.87 34.99
C ARG A 388 1.80 -3.57 35.01
N ARG A 389 1.03 -4.10 34.04
CA ARG A 389 -0.43 -3.89 34.00
C ARG A 389 -1.22 -4.98 34.70
N LYS A 390 -0.53 -5.77 35.51
CA LYS A 390 -1.21 -6.73 36.35
C LYS A 390 -2.29 -6.02 37.17
N GLY A 391 -3.52 -6.48 37.06
CA GLY A 391 -4.62 -5.90 37.85
C GLY A 391 -5.27 -4.63 37.32
N LYS A 392 -4.82 -4.17 36.17
CA LYS A 392 -5.36 -2.96 35.58
C LYS A 392 -6.47 -3.36 34.57
N PRO A 393 -7.71 -2.85 34.75
CA PRO A 393 -8.71 -3.22 33.74
C PRO A 393 -8.30 -2.66 32.39
N VAL A 394 -8.64 -3.39 31.35
CA VAL A 394 -8.44 -2.90 29.99
C VAL A 394 -9.79 -2.86 29.29
N GLU A 395 -9.86 -2.12 28.19
CA GLU A 395 -11.11 -1.98 27.45
C GLU A 395 -10.81 -2.29 26.00
N ILE A 396 -10.89 -3.56 25.65
CA ILE A 396 -10.72 -4.03 24.29
C ILE A 396 -12.11 -4.19 23.73
N PRO A 397 -12.52 -3.36 22.74
CA PRO A 397 -13.81 -3.60 22.09
C PRO A 397 -13.92 -5.02 21.58
N ASN A 398 -15.05 -5.68 21.87
CA ASN A 398 -15.19 -7.07 21.50
C ASN A 398 -15.70 -7.21 20.08
N ILE A 399 -14.93 -6.64 19.15
CA ILE A 399 -15.34 -6.46 17.80
C ILE A 399 -14.22 -6.93 16.91
N LYS A 400 -14.55 -7.87 16.05
CA LYS A 400 -13.59 -8.39 15.09
C LYS A 400 -14.34 -9.01 13.94
N THR A 401 -13.67 -9.09 12.81
CA THR A 401 -14.19 -9.76 11.66
C THR A 401 -13.32 -10.93 11.24
N LYS A 402 -13.93 -11.88 10.52
CA LYS A 402 -13.18 -12.93 9.83
C LYS A 402 -12.60 -12.40 8.54
N VAL A 403 -11.38 -12.84 8.26
CA VAL A 403 -10.62 -12.40 7.10
C VAL A 403 -9.99 -13.57 6.39
N VAL A 404 -10.36 -13.76 5.12
CA VAL A 404 -9.63 -14.66 4.24
C VAL A 404 -8.77 -13.77 3.35
N ALA A 405 -7.48 -14.04 3.35
CA ALA A 405 -6.49 -13.17 2.65
C ALA A 405 -5.40 -14.06 2.05
N GLY A 406 -4.26 -13.47 1.61
CA GLY A 406 -3.17 -14.25 1.04
C GLY A 406 -3.24 -14.42 -0.47
N PHE A 407 -4.02 -13.55 -1.14
CA PHE A 407 -4.21 -13.63 -2.57
C PHE A 407 -3.08 -12.93 -3.35
N SER A 408 -1.87 -13.49 -3.27
CA SER A 408 -0.83 -13.16 -4.22
C SER A 408 -1.30 -13.40 -5.63
N THR A 409 -0.60 -12.86 -6.62
CA THR A 409 -0.95 -13.18 -7.98
C THR A 409 -0.78 -14.69 -8.30
N GLU A 410 0.30 -15.27 -7.79
CA GLU A 410 0.52 -16.70 -7.92
C GLU A 410 -0.69 -17.46 -7.35
N ALA A 411 -1.16 -17.01 -6.19
CA ALA A 411 -2.32 -17.69 -5.58
C ALA A 411 -3.57 -17.51 -6.40
N ILE A 412 -3.82 -16.36 -6.99
CA ILE A 412 -4.98 -16.18 -7.81
C ILE A 412 -4.93 -17.04 -9.05
N ILE A 413 -3.76 -17.07 -9.69
CA ILE A 413 -3.58 -17.92 -10.85
C ILE A 413 -3.78 -19.38 -10.46
N ASN A 414 -3.26 -19.81 -9.33
CA ASN A 414 -3.49 -21.20 -8.90
C ASN A 414 -4.96 -21.47 -8.67
N ALA A 415 -5.67 -20.53 -8.04
CA ALA A 415 -7.07 -20.77 -7.76
C ALA A 415 -7.82 -20.91 -9.08
N LEU A 416 -7.54 -20.03 -10.03
CA LEU A 416 -8.18 -20.09 -11.33
C LEU A 416 -7.83 -21.38 -12.11
N SER A 417 -6.62 -21.89 -11.89
CA SER A 417 -6.15 -23.07 -12.60
C SER A 417 -7.02 -24.30 -12.26
N LYS A 418 -7.76 -24.26 -11.13
CA LYS A 418 -8.62 -25.39 -10.78
C LYS A 418 -9.81 -25.44 -11.72
N LEU A 419 -10.06 -24.34 -12.42
CA LEU A 419 -11.07 -24.32 -13.47
C LEU A 419 -10.50 -24.56 -14.86
N ASN A 420 -9.23 -24.28 -15.08
CA ASN A 420 -8.61 -24.50 -16.38
C ASN A 420 -7.12 -24.64 -16.16
N ALA A 421 -6.63 -25.87 -16.08
CA ALA A 421 -5.30 -26.13 -15.55
C ALA A 421 -4.18 -25.50 -16.43
N ASN A 422 -4.34 -25.57 -17.74
CA ASN A 422 -3.28 -25.12 -18.64
C ASN A 422 -3.52 -23.75 -19.24
N ASP A 423 -4.60 -23.10 -18.89
CA ASP A 423 -4.87 -21.72 -19.31
C ASP A 423 -5.65 -21.03 -18.17
N PRO A 424 -4.94 -20.77 -17.06
CA PRO A 424 -5.62 -20.32 -15.84
C PRO A 424 -6.30 -18.98 -15.95
N LEU A 425 -5.78 -18.07 -16.77
CA LEU A 425 -6.43 -16.79 -16.88
C LEU A 425 -7.69 -16.86 -17.70
N LYS A 426 -7.84 -17.90 -18.51
CA LYS A 426 -8.98 -17.96 -19.41
C LYS A 426 -10.35 -17.93 -18.68
N PRO A 427 -10.50 -18.69 -17.58
CA PRO A 427 -11.82 -18.61 -16.90
C PRO A 427 -12.15 -17.19 -16.43
N LEU A 428 -11.13 -16.43 -16.00
CA LEU A 428 -11.41 -15.06 -15.60
C LEU A 428 -11.83 -14.22 -16.79
N ILE A 429 -11.11 -14.38 -17.91
CA ILE A 429 -11.42 -13.62 -19.11
C ILE A 429 -12.80 -14.03 -19.66
N ASP A 430 -13.13 -15.33 -19.62
CA ASP A 430 -14.41 -15.82 -20.10
C ASP A 430 -15.55 -15.12 -19.38
N ASN A 431 -15.39 -14.94 -18.06
CA ASN A 431 -16.39 -14.30 -17.25
C ASN A 431 -16.43 -12.80 -17.36
N VAL A 432 -15.30 -12.18 -17.71
CA VAL A 432 -15.34 -10.78 -18.15
C VAL A 432 -16.16 -10.65 -19.39
N VAL A 433 -15.88 -11.52 -20.36
CA VAL A 433 -16.54 -11.47 -21.66
C VAL A 433 -18.06 -11.71 -21.56
N ASN A 434 -18.46 -12.68 -20.74
CA ASN A 434 -19.90 -12.96 -20.58
C ASN A 434 -20.61 -12.05 -19.58
N GLY A 435 -19.86 -11.17 -18.94
CA GLY A 435 -20.50 -10.19 -18.08
C GLY A 435 -20.64 -10.56 -16.62
N ASN A 436 -20.33 -11.80 -16.27
CA ASN A 436 -20.34 -12.15 -14.89
C ASN A 436 -19.36 -11.36 -14.06
N ILE A 437 -18.24 -10.98 -14.69
CA ILE A 437 -17.29 -10.04 -14.12
C ILE A 437 -17.32 -8.81 -15.00
N ARG A 438 -17.76 -7.69 -14.46
CA ARG A 438 -17.85 -6.48 -15.27
C ARG A 438 -16.46 -5.88 -15.52
N GLY A 439 -15.61 -5.91 -14.51
CA GLY A 439 -14.21 -5.46 -14.64
C GLY A 439 -13.54 -5.70 -13.32
N VAL A 440 -12.41 -5.02 -13.14
CA VAL A 440 -11.58 -5.20 -11.95
C VAL A 440 -11.36 -3.81 -11.36
N CYS A 441 -11.50 -3.66 -10.05
CA CYS A 441 -11.10 -2.44 -9.34
C CYS A 441 -10.14 -2.80 -8.21
N LEU A 442 -8.97 -2.12 -8.22
CA LEU A 442 -7.98 -2.13 -7.14
C LEU A 442 -8.25 -0.99 -6.17
N PHE A 443 -8.57 -1.29 -4.91
CA PHE A 443 -8.55 -0.28 -3.87
C PHE A 443 -7.20 -0.27 -3.20
N ALA A 444 -6.61 0.93 -3.10
CA ALA A 444 -5.25 1.08 -2.59
C ALA A 444 -5.19 2.29 -1.68
N GLY A 445 -4.07 2.41 -0.97
CA GLY A 445 -3.79 3.58 -0.21
C GLY A 445 -4.45 3.63 1.13
N CYS A 446 -4.44 4.83 1.66
CA CYS A 446 -4.55 5.18 3.07
C CYS A 446 -5.97 5.37 3.50
N ASN A 447 -6.10 5.62 4.79
CA ASN A 447 -7.18 6.44 5.33
C ASN A 447 -6.63 7.90 5.49
N ASN A 448 -7.54 8.86 5.62
CA ASN A 448 -7.16 10.26 5.76
C ASN A 448 -8.15 10.90 6.71
N VAL A 449 -7.65 11.59 7.75
CA VAL A 449 -8.50 12.22 8.73
C VAL A 449 -9.61 13.10 8.16
N LYS A 450 -9.41 13.64 6.96
CA LYS A 450 -10.42 14.46 6.31
C LYS A 450 -11.70 13.69 5.98
N VAL A 451 -11.60 12.39 5.81
CA VAL A 451 -12.70 11.55 5.37
C VAL A 451 -13.06 10.62 6.54
N PRO A 452 -14.36 10.59 6.94
CA PRO A 452 -14.76 9.63 7.99
C PRO A 452 -14.20 8.23 7.67
N GLN A 453 -13.48 7.65 8.62
CA GLN A 453 -12.61 6.52 8.32
C GLN A 453 -13.40 5.42 7.63
N ASP A 454 -12.94 4.97 6.49
CA ASP A 454 -13.43 3.84 5.72
C ASP A 454 -14.64 4.14 4.85
N GLN A 455 -15.25 5.30 5.04
CA GLN A 455 -16.50 5.59 4.38
C GLN A 455 -16.41 5.53 2.88
N ASN A 456 -15.35 6.08 2.30
CA ASN A 456 -15.24 6.02 0.83
C ASN A 456 -14.99 4.60 0.32
N PHE A 457 -14.05 3.92 0.96
CA PHE A 457 -13.76 2.54 0.53
C PHE A 457 -15.04 1.67 0.55
N THR A 458 -15.79 1.73 1.65
CA THR A 458 -16.95 0.80 1.77
C THR A 458 -18.06 1.26 0.85
N THR A 459 -18.31 2.56 0.73
CA THR A 459 -19.36 3.03 -0.12
C THR A 459 -19.13 2.69 -1.59
N ILE A 460 -17.91 2.93 -2.05
CA ILE A 460 -17.61 2.63 -3.42
C ILE A 460 -17.56 1.13 -3.64
N ALA A 461 -16.92 0.36 -2.77
CA ALA A 461 -16.85 -1.10 -2.95
C ALA A 461 -18.26 -1.71 -3.03
N ARG A 462 -19.15 -1.28 -2.13
CA ARG A 462 -20.48 -1.86 -2.16
C ARG A 462 -21.18 -1.66 -3.51
N LYS A 463 -21.08 -0.48 -4.10
CA LYS A 463 -21.69 -0.24 -5.39
C LYS A 463 -21.04 -1.07 -6.50
N LEU A 464 -19.71 -1.13 -6.52
CA LEU A 464 -19.02 -1.93 -7.50
C LEU A 464 -19.34 -3.41 -7.40
N LEU A 465 -19.33 -3.95 -6.20
CA LEU A 465 -19.62 -5.37 -6.02
C LEU A 465 -21.03 -5.73 -6.48
N LYS A 466 -21.99 -4.86 -6.25
CA LYS A 466 -23.36 -5.11 -6.74
C LYS A 466 -23.44 -5.12 -8.26
N GLN A 467 -22.50 -4.42 -8.90
CA GLN A 467 -22.40 -4.33 -10.35
C GLN A 467 -21.40 -5.33 -10.97
N ASN A 468 -21.09 -6.36 -10.19
CA ASN A 468 -20.28 -7.54 -10.61
C ASN A 468 -18.81 -7.21 -10.90
N VAL A 469 -18.29 -6.18 -10.23
CA VAL A 469 -16.86 -5.89 -10.36
C VAL A 469 -16.07 -6.80 -9.41
N LEU A 470 -14.99 -7.39 -9.95
CA LEU A 470 -14.02 -8.09 -9.14
C LEU A 470 -13.16 -7.05 -8.42
N VAL A 471 -13.21 -7.06 -7.08
CA VAL A 471 -12.49 -6.08 -6.26
C VAL A 471 -11.34 -6.72 -5.58
N VAL A 472 -10.17 -6.09 -5.77
CA VAL A 472 -8.97 -6.48 -5.10
C VAL A 472 -8.48 -5.27 -4.28
N ALA A 473 -7.67 -5.50 -3.27
CA ALA A 473 -7.29 -4.43 -2.35
C ALA A 473 -5.97 -4.65 -1.71
N THR A 474 -5.32 -3.53 -1.37
CA THR A 474 -4.03 -3.56 -0.69
C THR A 474 -3.97 -2.48 0.40
N GLY A 475 -2.98 -2.58 1.26
CA GLY A 475 -2.68 -1.50 2.20
C GLY A 475 -3.85 -1.21 3.12
N CYS A 476 -4.11 0.07 3.39
CA CYS A 476 -5.25 0.45 4.24
C CYS A 476 -6.59 0.37 3.54
N GLY A 477 -6.60 0.21 2.24
CA GLY A 477 -7.83 -0.09 1.49
C GLY A 477 -8.22 -1.52 1.89
N ALA A 478 -7.28 -2.43 1.81
CA ALA A 478 -7.53 -3.76 2.35
C ALA A 478 -7.90 -3.71 3.80
N GLY A 479 -7.23 -2.89 4.59
CA GLY A 479 -7.53 -2.80 6.01
C GLY A 479 -8.97 -2.38 6.28
N ALA A 480 -9.43 -1.35 5.56
CA ALA A 480 -10.80 -0.86 5.65
C ALA A 480 -11.78 -1.97 5.32
N LEU A 481 -11.54 -2.60 4.20
CA LEU A 481 -12.48 -3.60 3.71
C LEU A 481 -12.48 -4.82 4.64
N MET A 482 -11.33 -5.23 5.13
CA MET A 482 -11.35 -6.36 6.06
CA MET A 482 -11.26 -6.35 6.12
C MET A 482 -12.09 -6.05 7.38
N ARG A 483 -11.91 -4.85 7.92
CA ARG A 483 -12.52 -4.50 9.18
C ARG A 483 -14.06 -4.36 9.06
N HIS A 484 -14.55 -4.23 7.83
CA HIS A 484 -15.98 -4.09 7.59
C HIS A 484 -16.60 -5.35 6.95
N GLY A 485 -15.86 -6.45 6.96
CA GLY A 485 -16.40 -7.74 6.61
C GLY A 485 -16.32 -8.16 5.16
N PHE A 486 -15.59 -7.37 4.36
CA PHE A 486 -15.56 -7.62 2.92
C PHE A 486 -14.59 -8.75 2.55
N MET A 487 -13.84 -9.26 3.52
CA MET A 487 -12.96 -10.44 3.33
CA MET A 487 -13.01 -10.46 3.27
C MET A 487 -13.51 -11.74 3.96
N ASP A 488 -14.79 -11.68 4.34
CA ASP A 488 -15.48 -12.84 4.89
C ASP A 488 -16.45 -13.41 3.84
N PRO A 489 -16.12 -14.67 3.35
CA PRO A 489 -16.96 -15.30 2.38
C PRO A 489 -18.41 -15.49 2.80
N ALA A 490 -18.70 -15.42 4.08
CA ALA A 490 -20.07 -15.47 4.53
C ALA A 490 -20.86 -14.29 4.06
N ASN A 491 -20.18 -13.19 3.67
CA ASN A 491 -20.88 -12.01 3.21
C ASN A 491 -21.06 -11.87 1.69
N VAL A 492 -20.73 -12.92 0.94
CA VAL A 492 -20.87 -12.87 -0.49
C VAL A 492 -22.30 -12.68 -0.95
N ASP A 493 -23.26 -13.40 -0.34
CA ASP A 493 -24.67 -13.25 -0.74
C ASP A 493 -25.16 -11.83 -0.58
N GLU A 494 -24.80 -11.19 0.54
CA GLU A 494 -25.26 -9.86 0.83
C GLU A 494 -24.61 -8.83 -0.12
N LEU A 495 -23.31 -8.99 -0.36
CA LEU A 495 -22.54 -7.89 -1.01
C LEU A 495 -22.46 -8.01 -2.53
N CYS A 496 -22.50 -9.23 -3.07
CA CYS A 496 -22.07 -9.42 -4.43
C CYS A 496 -23.25 -9.50 -5.40
N GLY A 497 -23.08 -8.96 -6.61
CA GLY A 497 -24.04 -9.22 -7.66
C GLY A 497 -24.03 -10.68 -8.09
N ASP A 498 -25.11 -11.08 -8.76
CA ASP A 498 -25.31 -12.50 -9.07
C ASP A 498 -24.18 -13.10 -9.93
N GLY A 499 -23.70 -12.34 -10.92
CA GLY A 499 -22.62 -12.79 -11.77
C GLY A 499 -21.33 -12.97 -11.01
N LEU A 500 -20.98 -11.98 -10.19
CA LEU A 500 -19.79 -12.08 -9.42
C LEU A 500 -19.88 -13.20 -8.40
N LYS A 501 -21.04 -13.32 -7.74
CA LYS A 501 -21.24 -14.42 -6.82
C LYS A 501 -21.01 -15.77 -7.49
N ALA A 502 -21.56 -15.95 -8.69
CA ALA A 502 -21.39 -17.21 -9.42
C ALA A 502 -19.92 -17.53 -9.67
N VAL A 503 -19.12 -16.52 -10.00
CA VAL A 503 -17.71 -16.74 -10.26
C VAL A 503 -16.95 -17.06 -8.98
N LEU A 504 -17.16 -16.23 -7.94
CA LEU A 504 -16.45 -16.47 -6.70
C LEU A 504 -16.78 -17.88 -6.18
N THR A 505 -18.04 -18.29 -6.35
CA THR A 505 -18.52 -19.60 -5.93
C THR A 505 -17.89 -20.69 -6.76
N ALA A 506 -17.84 -20.50 -8.07
CA ALA A 506 -17.28 -21.55 -8.94
C ALA A 506 -15.80 -21.70 -8.59
N ILE A 507 -15.06 -20.59 -8.44
CA ILE A 507 -13.67 -20.77 -8.07
C ILE A 507 -13.48 -21.40 -6.72
N GLY A 508 -14.22 -20.89 -5.75
CA GLY A 508 -14.19 -21.45 -4.43
C GLY A 508 -14.54 -22.95 -4.36
N GLU A 509 -15.55 -23.35 -5.09
CA GLU A 509 -15.96 -24.77 -5.00
C GLU A 509 -14.92 -25.66 -5.71
N ALA A 510 -14.17 -25.09 -6.68
CA ALA A 510 -13.16 -25.85 -7.41
C ALA A 510 -11.92 -25.96 -6.57
N ASN A 511 -11.79 -25.07 -5.62
CA ASN A 511 -10.68 -25.13 -4.70
C ASN A 511 -11.09 -25.88 -3.46
N GLY A 512 -12.25 -26.58 -3.51
CA GLY A 512 -12.70 -27.46 -2.45
C GLY A 512 -13.25 -26.80 -1.19
N LEU A 513 -13.59 -25.52 -1.28
CA LEU A 513 -13.90 -24.73 -0.08
C LEU A 513 -15.31 -24.96 0.36
N GLY A 514 -16.14 -25.51 -0.52
CA GLY A 514 -17.55 -25.76 -0.17
C GLY A 514 -18.25 -24.41 -0.11
N GLY A 515 -17.56 -23.41 -0.70
CA GLY A 515 -18.04 -22.05 -0.68
C GLY A 515 -17.07 -21.07 -1.36
N PRO A 516 -17.60 -19.85 -1.49
CA PRO A 516 -16.93 -18.94 -2.37
C PRO A 516 -15.63 -18.41 -1.83
N LEU A 517 -14.85 -17.86 -2.77
CA LEU A 517 -13.84 -16.85 -2.43
C LEU A 517 -14.52 -15.72 -1.69
N PRO A 518 -13.71 -14.93 -0.92
CA PRO A 518 -14.33 -13.77 -0.30
C PRO A 518 -14.72 -12.67 -1.28
N PRO A 519 -15.55 -11.73 -0.79
CA PRO A 519 -16.04 -10.68 -1.68
C PRO A 519 -14.92 -9.82 -2.32
N VAL A 520 -13.85 -9.61 -1.57
CA VAL A 520 -12.71 -8.81 -1.99
C VAL A 520 -11.49 -9.65 -1.77
N LEU A 521 -10.57 -9.60 -2.74
CA LEU A 521 -9.31 -10.35 -2.63
C LEU A 521 -8.20 -9.42 -2.11
N HIS A 522 -7.64 -9.78 -0.99
CA HIS A 522 -6.55 -9.06 -0.36
C HIS A 522 -5.24 -9.46 -0.99
N MET A 523 -4.67 -8.52 -1.77
CA MET A 523 -3.41 -8.73 -2.47
C MET A 523 -2.16 -8.23 -1.72
N GLY A 524 -2.36 -7.68 -0.55
CA GLY A 524 -1.25 -7.46 0.38
C GLY A 524 -0.98 -6.05 0.79
N SER A 525 0.31 -5.79 1.01
CA SER A 525 0.76 -4.49 1.47
C SER A 525 0.79 -3.44 0.32
N CYS A 526 1.26 -2.24 0.63
CA CYS A 526 1.32 -1.19 -0.37
C CYS A 526 2.36 -1.51 -1.49
N VAL A 527 3.53 -2.07 -1.17
CA VAL A 527 4.44 -2.46 -2.25
C VAL A 527 3.74 -3.52 -3.13
N ASP A 528 2.90 -4.36 -2.48
CA ASP A 528 2.18 -5.41 -3.17
C ASP A 528 1.06 -4.89 -4.08
N ASN A 529 0.85 -3.57 -4.21
CA ASN A 529 0.19 -3.08 -5.42
C ASN A 529 0.87 -3.61 -6.68
N SER A 530 2.16 -3.92 -6.58
CA SER A 530 2.90 -4.49 -7.70
C SER A 530 2.27 -5.86 -8.12
N ARG A 531 1.68 -6.58 -7.16
CA ARG A 531 1.04 -7.86 -7.47
C ARG A 531 -0.13 -7.62 -8.38
N ALA A 532 -0.91 -6.56 -8.14
CA ALA A 532 -2.00 -6.22 -9.05
C ALA A 532 -1.50 -5.89 -10.44
N VAL A 533 -0.34 -5.21 -10.53
CA VAL A 533 0.29 -4.96 -11.82
C VAL A 533 0.63 -6.32 -12.51
N ALA A 534 1.25 -7.22 -11.75
CA ALA A 534 1.56 -8.52 -12.36
C ALA A 534 0.31 -9.20 -12.93
N LEU A 535 -0.79 -9.16 -12.17
CA LEU A 535 -2.03 -9.82 -12.63
C LEU A 535 -2.56 -9.14 -13.89
N VAL A 536 -2.62 -7.81 -13.86
CA VAL A 536 -3.15 -7.06 -14.95
C VAL A 536 -2.26 -7.15 -16.20
N ALA A 537 -0.94 -7.19 -15.99
CA ALA A 537 -0.01 -7.35 -17.13
C ALA A 537 -0.20 -8.77 -17.72
N ALA A 538 -0.41 -9.75 -16.86
CA ALA A 538 -0.62 -11.12 -17.36
C ALA A 538 -1.91 -11.23 -18.17
N LEU A 539 -2.97 -10.57 -17.70
CA LEU A 539 -4.19 -10.51 -18.48
C LEU A 539 -4.04 -9.83 -19.79
N ALA A 540 -3.34 -8.70 -19.79
CA ALA A 540 -3.09 -7.94 -21.03
C ALA A 540 -2.33 -8.80 -22.03
N ASN A 541 -1.30 -9.49 -21.55
CA ASN A 541 -0.49 -10.37 -22.45
CA ASN A 541 -0.51 -10.35 -22.44
C ASN A 541 -1.28 -11.57 -22.99
N ARG A 542 -2.18 -12.10 -22.17
CA ARG A 542 -3.02 -13.23 -22.57
C ARG A 542 -4.00 -12.80 -23.61
N LEU A 543 -4.48 -11.56 -23.51
CA LEU A 543 -5.39 -11.02 -24.51
C LEU A 543 -4.71 -10.38 -25.72
N GLY A 544 -3.41 -10.16 -25.66
CA GLY A 544 -2.69 -9.48 -26.74
C GLY A 544 -3.04 -8.02 -26.90
N VAL A 545 -3.38 -7.36 -25.80
CA VAL A 545 -3.66 -5.94 -25.77
C VAL A 545 -2.85 -5.27 -24.68
N ASP A 546 -2.80 -3.95 -24.74
CA ASP A 546 -2.13 -3.17 -23.70
C ASP A 546 -3.09 -2.89 -22.55
N LEU A 547 -2.56 -2.47 -21.42
CA LEU A 547 -3.32 -2.30 -20.18
C LEU A 547 -4.42 -1.28 -20.30
N ASP A 548 -4.19 -0.28 -21.17
CA ASP A 548 -5.20 0.77 -21.36
C ASP A 548 -6.38 0.37 -22.22
N ARG A 549 -6.45 -0.92 -22.56
CA ARG A 549 -7.67 -1.48 -23.21
C ARG A 549 -8.45 -2.37 -22.25
N LEU A 550 -7.88 -2.65 -21.09
CA LEU A 550 -8.55 -3.56 -20.16
C LEU A 550 -9.56 -2.84 -19.26
N PRO A 551 -10.65 -3.54 -18.87
CA PRO A 551 -11.64 -2.99 -17.93
C PRO A 551 -11.17 -3.12 -16.48
N VAL A 552 -10.11 -2.37 -16.20
CA VAL A 552 -9.41 -2.35 -14.91
C VAL A 552 -9.24 -0.89 -14.49
N VAL A 553 -9.58 -0.60 -13.24
CA VAL A 553 -9.45 0.71 -12.68
C VAL A 553 -8.84 0.60 -11.28
N ALA A 554 -8.40 1.73 -10.72
CA ALA A 554 -7.87 1.81 -9.40
C ALA A 554 -8.55 2.95 -8.64
N SER A 555 -8.59 2.83 -7.32
CA SER A 555 -9.14 3.85 -6.43
C SER A 555 -8.37 4.01 -5.16
N ALA A 556 -7.67 5.15 -5.02
CA ALA A 556 -7.02 5.56 -3.78
C ALA A 556 -8.03 6.43 -3.04
N ALA A 557 -9.04 5.77 -2.49
CA ALA A 557 -10.27 6.43 -2.07
C ALA A 557 -10.16 7.39 -0.91
N GLU A 558 -9.12 7.19 -0.11
CA GLU A 558 -8.92 7.98 1.10
C GLU A 558 -7.45 8.39 1.26
N ALA A 559 -6.80 8.73 0.11
CA ALA A 559 -5.36 8.85 0.05
C ALA A 559 -4.78 9.86 1.07
N MET A 560 -3.55 9.57 1.51
CA MET A 560 -2.85 10.42 2.48
C MET A 560 -1.39 10.60 2.14
N HIS A 561 -0.66 9.50 2.07
CA HIS A 561 0.81 9.60 2.09
C HIS A 561 1.35 9.99 0.71
N GLU A 562 2.56 10.56 0.65
CA GLU A 562 3.25 10.76 -0.61
C GLU A 562 3.38 9.45 -1.41
N LYS A 563 3.53 8.33 -0.68
CA LYS A 563 3.58 7.00 -1.33
C LYS A 563 2.32 6.76 -2.14
N ALA A 564 1.17 7.16 -1.59
CA ALA A 564 -0.11 6.95 -2.29
C ALA A 564 -0.24 7.80 -3.53
N VAL A 565 0.32 9.02 -3.47
CA VAL A 565 0.36 9.86 -4.65
C VAL A 565 1.25 9.23 -5.75
N ALA A 566 2.37 8.66 -5.34
CA ALA A 566 3.24 8.00 -6.32
C ALA A 566 2.52 6.79 -6.96
N ILE A 567 1.85 5.96 -6.11
CA ILE A 567 1.14 4.78 -6.63
C ILE A 567 0.05 5.23 -7.60
N GLY A 568 -0.74 6.24 -7.22
CA GLY A 568 -1.79 6.70 -8.13
C GLY A 568 -1.21 7.13 -9.46
N THR A 569 -0.08 7.84 -9.38
CA THR A 569 0.57 8.34 -10.58
C THR A 569 1.10 7.22 -11.49
N TRP A 570 1.68 6.17 -10.92
CA TRP A 570 2.12 5.05 -11.80
C TRP A 570 0.91 4.25 -12.31
N ALA A 571 -0.18 4.20 -11.54
CA ALA A 571 -1.40 3.55 -12.05
C ALA A 571 -1.88 4.23 -13.33
N VAL A 572 -1.83 5.56 -13.32
CA VAL A 572 -2.16 6.35 -14.51
C VAL A 572 -1.16 6.09 -15.64
N THR A 573 0.09 6.06 -15.26
CA THR A 573 1.18 5.91 -16.24
C THR A 573 1.14 4.56 -16.97
N ILE A 574 0.76 3.49 -16.24
CA ILE A 574 0.68 2.14 -16.85
C ILE A 574 -0.63 1.97 -17.62
N GLY A 575 -1.55 2.94 -17.55
CA GLY A 575 -2.73 2.96 -18.41
C GLY A 575 -4.09 2.82 -17.74
N LEU A 576 -4.16 3.01 -16.44
CA LEU A 576 -5.44 2.79 -15.71
C LEU A 576 -6.15 4.11 -15.42
N PRO A 577 -7.50 4.11 -15.56
CA PRO A 577 -8.29 5.14 -14.89
C PRO A 577 -8.17 4.98 -13.39
N THR A 578 -7.79 6.08 -12.69
CA THR A 578 -7.36 6.03 -11.32
C THR A 578 -8.09 7.08 -10.52
N HIS A 579 -8.99 6.65 -9.66
CA HIS A 579 -9.71 7.53 -8.77
C HIS A 579 -8.85 7.94 -7.57
N ILE A 580 -8.97 9.21 -7.19
CA ILE A 580 -8.46 9.67 -5.92
C ILE A 580 -9.58 10.40 -5.19
N GLY A 581 -9.80 10.01 -3.94
CA GLY A 581 -10.96 10.46 -3.17
C GLY A 581 -10.71 11.55 -2.15
N VAL A 582 -9.47 12.08 -2.18
CA VAL A 582 -9.07 13.28 -1.41
CA VAL A 582 -9.16 13.32 -1.47
C VAL A 582 -8.46 14.24 -2.50
N LEU A 583 -8.54 15.52 -2.25
CA LEU A 583 -7.92 16.45 -3.20
C LEU A 583 -6.41 16.47 -3.06
N PRO A 584 -5.70 16.10 -4.14
CA PRO A 584 -4.28 16.40 -4.10
C PRO A 584 -4.15 17.91 -4.42
N PRO A 585 -2.96 18.45 -4.16
CA PRO A 585 -2.82 19.94 -4.20
C PRO A 585 -2.60 20.42 -5.64
N ILE A 586 -3.64 20.29 -6.44
CA ILE A 586 -3.62 20.58 -7.85
C ILE A 586 -4.68 21.53 -8.34
N THR A 587 -5.69 21.77 -7.53
CA THR A 587 -6.80 22.49 -8.05
C THR A 587 -6.52 23.97 -8.31
N GLY A 588 -5.45 24.49 -7.72
CA GLY A 588 -4.97 25.87 -7.99
C GLY A 588 -4.53 26.06 -9.40
N SER A 589 -4.30 25.01 -10.18
CA SER A 589 -3.92 25.15 -11.56
C SER A 589 -4.85 24.36 -12.48
N LEU A 590 -5.70 25.02 -13.24
CA LEU A 590 -6.58 24.33 -14.18
C LEU A 590 -5.75 23.61 -15.24
N PRO A 591 -4.66 24.24 -15.76
CA PRO A 591 -3.90 23.51 -16.73
C PRO A 591 -3.29 22.22 -16.22
N VAL A 592 -2.75 22.23 -15.01
CA VAL A 592 -2.20 20.97 -14.48
C VAL A 592 -3.34 19.97 -14.25
N THR A 593 -4.47 20.42 -13.72
CA THR A 593 -5.61 19.52 -13.52
C THR A 593 -6.02 18.92 -14.84
N GLN A 594 -6.09 19.70 -15.89
CA GLN A 594 -6.52 19.19 -17.19
C GLN A 594 -5.52 18.16 -17.74
N ILE A 595 -4.22 18.35 -17.50
CA ILE A 595 -3.26 17.34 -17.94
C ILE A 595 -3.56 16.02 -17.18
N LEU A 596 -3.64 16.12 -15.85
CA LEU A 596 -3.70 14.88 -15.04
C LEU A 596 -5.03 14.15 -15.18
N THR A 597 -6.10 14.85 -15.54
CA THR A 597 -7.42 14.25 -15.64
C THR A 597 -7.88 14.02 -17.05
N SER A 598 -7.16 14.55 -18.05
CA SER A 598 -7.64 14.50 -19.42
C SER A 598 -6.55 14.30 -20.41
N SER A 599 -5.62 15.26 -20.59
CA SER A 599 -4.67 15.08 -21.70
C SER A 599 -3.65 13.98 -21.52
N VAL A 600 -3.43 13.56 -20.29
CA VAL A 600 -2.53 12.42 -20.08
C VAL A 600 -3.10 11.13 -20.75
N LYS A 601 -4.41 11.08 -20.98
CA LYS A 601 -5.03 9.92 -21.67
C LYS A 601 -4.30 9.71 -23.02
N ASP A 602 -3.94 10.83 -23.69
CA ASP A 602 -3.29 10.74 -25.00
C ASP A 602 -1.89 10.25 -24.95
N ILE A 603 -1.29 10.32 -23.77
CA ILE A 603 0.08 9.89 -23.54
C ILE A 603 0.14 8.42 -23.09
N THR A 604 -0.54 8.11 -22.00
CA THR A 604 -0.44 6.80 -21.37
C THR A 604 -1.73 5.96 -21.45
N GLY A 605 -2.85 6.56 -21.82
CA GLY A 605 -4.15 5.88 -21.79
C GLY A 605 -4.84 5.93 -20.45
N GLY A 606 -4.10 6.17 -19.39
CA GLY A 606 -4.70 6.30 -18.08
C GLY A 606 -5.02 7.74 -17.79
N TYR A 607 -5.57 7.99 -16.62
CA TYR A 607 -5.98 9.35 -16.20
C TYR A 607 -6.51 9.33 -14.78
N PHE A 608 -6.35 10.46 -14.07
CA PHE A 608 -6.96 10.61 -12.76
C PHE A 608 -8.42 10.98 -12.84
N ILE A 609 -9.19 10.42 -11.91
CA ILE A 609 -10.55 10.77 -11.64
C ILE A 609 -10.60 11.34 -10.22
N VAL A 610 -10.70 12.67 -10.11
CA VAL A 610 -10.69 13.32 -8.79
C VAL A 610 -12.12 13.50 -8.36
N GLU A 611 -12.56 12.78 -7.33
CA GLU A 611 -13.96 12.87 -6.90
C GLU A 611 -14.09 12.56 -5.46
N LEU A 612 -14.48 13.57 -4.68
CA LEU A 612 -14.65 13.51 -3.20
CA LEU A 612 -14.61 13.41 -3.23
C LEU A 612 -15.91 12.78 -2.70
N ASP A 613 -16.94 12.81 -3.57
CA ASP A 613 -18.22 12.17 -3.20
C ASP A 613 -18.19 10.70 -3.63
N PRO A 614 -18.24 9.76 -2.62
CA PRO A 614 -17.99 8.37 -2.99
C PRO A 614 -19.05 7.74 -3.88
N GLU A 615 -20.33 8.14 -3.76
CA GLU A 615 -21.32 7.59 -4.65
C GLU A 615 -21.05 8.02 -6.06
N THR A 616 -20.71 9.29 -6.23
CA THR A 616 -20.32 9.78 -7.54
C THR A 616 -19.06 9.12 -8.10
N ALA A 617 -18.09 8.91 -7.23
CA ALA A 617 -16.87 8.25 -7.63
C ALA A 617 -17.17 6.85 -8.15
N ALA A 618 -18.06 6.12 -7.46
CA ALA A 618 -18.42 4.79 -7.92
C ALA A 618 -19.04 4.81 -9.30
N ASP A 619 -19.90 5.79 -9.54
CA ASP A 619 -20.50 5.93 -10.86
C ASP A 619 -19.46 6.26 -11.91
N LYS A 620 -18.48 7.10 -11.57
CA LYS A 620 -17.43 7.45 -12.52
C LYS A 620 -16.51 6.24 -12.78
N LEU A 621 -16.24 5.43 -11.76
CA LEU A 621 -15.41 4.25 -11.93
C LEU A 621 -16.12 3.22 -12.80
N LEU A 622 -17.44 3.06 -12.61
CA LEU A 622 -18.20 2.15 -13.43
C LEU A 622 -18.22 2.64 -14.84
N ALA A 623 -18.41 3.94 -15.04
CA ALA A 623 -18.38 4.49 -16.39
C ALA A 623 -17.04 4.23 -17.10
N ALA A 624 -15.95 4.36 -16.36
CA ALA A 624 -14.64 4.09 -16.89
C ALA A 624 -14.49 2.62 -17.28
N ILE A 625 -14.91 1.72 -16.38
CA ILE A 625 -14.93 0.28 -16.66
C ILE A 625 -15.74 -0.03 -17.93
N ASN A 626 -16.94 0.55 -17.97
CA ASN A 626 -17.84 0.26 -19.09
C ASN A 626 -17.35 0.83 -20.40
N GLU A 627 -16.68 1.98 -20.36
CA GLU A 627 -16.09 2.52 -21.57
C GLU A 627 -15.04 1.56 -22.10
N ARG A 628 -14.25 0.96 -21.20
CA ARG A 628 -13.30 -0.08 -21.61
CA ARG A 628 -13.20 -0.06 -21.59
C ARG A 628 -13.90 -1.32 -22.23
N ARG A 629 -15.00 -1.76 -21.60
CA ARG A 629 -15.77 -2.87 -22.17
C ARG A 629 -16.25 -2.55 -23.58
N ALA A 630 -16.80 -1.34 -23.77
CA ALA A 630 -17.28 -0.94 -25.08
C ALA A 630 -16.14 -0.91 -26.11
N GLY A 631 -14.96 -0.47 -25.70
CA GLY A 631 -13.81 -0.46 -26.61
C GLY A 631 -13.32 -1.83 -27.02
N LEU A 632 -13.61 -2.87 -26.22
CA LEU A 632 -13.33 -4.27 -26.57
C LEU A 632 -14.51 -4.91 -27.25
N GLY A 633 -15.54 -4.15 -27.55
CA GLY A 633 -16.70 -4.66 -28.24
C GLY A 633 -17.59 -5.52 -27.36
N LEU A 634 -17.54 -5.33 -26.06
CA LEU A 634 -18.28 -6.20 -25.15
C LEU A 634 -19.56 -5.50 -24.73
N PRO A 635 -20.58 -6.32 -24.40
CA PRO A 635 -21.75 -5.74 -23.79
C PRO A 635 -21.49 -5.15 -22.40
N TRP A 636 -22.23 -4.16 -21.99
N TRP A 636 -22.32 -3.98 -21.91
CA TRP A 636 -22.04 -3.59 -20.66
CA TRP A 636 -22.09 -3.44 -20.56
C TRP A 636 -23.35 -3.05 -20.06
C TRP A 636 -23.43 -2.85 -20.14
FE1 SF4 B . 10.22 31.05 -6.85
FE2 SF4 B . 9.34 29.30 -4.97
FE3 SF4 B . 11.53 30.78 -4.39
FE4 SF4 B . 9.06 31.91 -4.51
S1 SF4 B . 9.83 30.34 -3.01
S2 SF4 B . 10.92 32.77 -5.44
S3 SF4 B . 8.07 30.74 -6.25
S4 SF4 B . 11.29 29.16 -6.07
FE1 FES C . 2.18 28.09 2.36
FE2 FES C . -0.15 28.07 3.74
S1 FES C . 0.79 29.87 2.66
S2 FES C . 0.85 26.27 2.83
C 82N D . 2.04 2.93 1.09
N 82N D . 3.07 2.82 0.72
NI 82N D . 0.29 2.76 1.86
S1 82N D . 0.92 4.73 2.64
FE1 82N D . -1.76 2.81 4.86
S2 82N D . 0.18 1.88 5.56
S3 82N D . -1.48 5.03 5.41
FE3 82N D . -1.23 4.77 3.14
S4 82N D . -1.88 2.66 2.58
FE4 82N D . 0.55 4.11 4.88
FE FE2 E . 0.92 0.85 3.62
#